data_4FLO
#
_entry.id   4FLO
#
_cell.length_a   96.030
_cell.length_b   115.980
_cell.length_c   60.460
_cell.angle_alpha   90.00
_cell.angle_beta   90.00
_cell.angle_gamma   90.00
#
_symmetry.space_group_name_H-M   'P 21 21 2'
#
loop_
_entity.id
_entity.type
_entity.pdbx_description
1 polymer Amylosucrase
2 non-polymer 2-AMINO-2-HYDROXYMETHYL-PROPANE-1,3-DIOL
3 non-polymer GLYCEROL
4 non-polymer 'HEXAETHYLENE GLYCOL'
5 water water
#
_entity_poly.entity_id   1
_entity_poly.type   'polypeptide(L)'
_entity_poly.pdbx_seq_one_letter_code
;SPNSQYLKTRILDIYTPEQRAGIEKSEDWRQFSRRMDTHFPKLMNELDSVYGNNEALLPMLEMLLAQAWQSYSQRNSSLK
DIDIARENNPDWILSNKQVGGVCYVDLFAGDLKGLKDKIPYFQELGLTYLHLMPLFKCPEGKSDGGYAVSSYRDVNPALG
TIGDLREVIAALHEAGISAVVDFIFNHTSNEHEWAQRCAAGDPLFDNFYYIFPDRRMPDQYDRTLREIFPDQHPGGFSQL
EDGRWVWTTFNSFQWDLNYSNPWVFRAMAGEMLFLANLGVDILRMDAVPCIWKQMGTSCENLPQAHALIRAFNAVMRIAA
PAVFFKSEAIVHPDQVVQYIGQDECQIGYNPLQMALLWNTLATREVNLLHQALTYRHNLPEHTAWVNYVRSHDDIGWTFA
DEDAAYLGISGYDHRQFLNRFFVNRFDGSFARGVPFQYNPSTGDCRVSGTAAALVGLAQDDPHAVDRIKLLYSIALSTGG
LPLIYLGDEVGTLNDDDWSQDSNKSDDSRWAHRPRYNEALYAQRNDPSTAAGQIYQDLRHMIAVRQSNPRFDGGRLVTFN
TNNKHIIGYIRNNALLAFGNFSEYPQTVTAHTLQAMPFKAHDLIGGKTVSLNQDLTLQPYQVMWLEIA
;
_entity_poly.pdbx_strand_id   A
#
loop_
_chem_comp.id
_chem_comp.type
_chem_comp.name
_chem_comp.formula
GOL non-polymer GLYCEROL 'C3 H8 O3'
P6G non-polymer 'HEXAETHYLENE GLYCOL' 'C12 H26 O7'
TRS non-polymer 2-AMINO-2-HYDROXYMETHYL-PROPANE-1,3-DIOL 'C4 H12 N O3 1'
#
# COMPACT_ATOMS: atom_id res chain seq x y z
N SER A 1 12.26 27.27 20.71
CA SER A 1 11.02 26.75 20.03
C SER A 1 9.76 27.22 20.76
N PRO A 2 8.74 27.67 19.99
CA PRO A 2 7.47 28.12 20.58
C PRO A 2 6.61 26.94 21.07
N ASN A 3 5.66 27.22 21.95
CA ASN A 3 4.79 26.16 22.49
C ASN A 3 3.37 26.23 21.93
N SER A 4 2.60 25.17 22.18
CA SER A 4 1.21 25.05 21.73
C SER A 4 0.31 26.21 22.18
N GLN A 5 0.44 26.60 23.45
CA GLN A 5 -0.43 27.63 24.03
C GLN A 5 -0.19 28.97 23.32
N TYR A 6 1.08 29.35 23.20
CA TYR A 6 1.46 30.58 22.49
C TYR A 6 0.95 30.59 21.05
N LEU A 7 1.15 29.48 20.35
CA LEU A 7 0.73 29.41 18.95
C LEU A 7 -0.78 29.45 18.77
N LYS A 8 -1.52 28.91 19.74
CA LYS A 8 -2.98 28.99 19.73
C LYS A 8 -3.51 30.41 19.88
N THR A 9 -2.86 31.23 20.70
CA THR A 9 -3.29 32.63 20.87
C THR A 9 -3.15 33.41 19.57
N ARG A 10 -2.17 33.02 18.75
CA ARG A 10 -1.93 33.70 17.49
C ARG A 10 -2.86 33.19 16.38
N ILE A 11 -3.22 31.91 16.44
CA ILE A 11 -4.27 31.39 15.58
C ILE A 11 -5.53 32.24 15.77
N LEU A 12 -5.85 32.54 17.03
CA LEU A 12 -7.09 33.25 17.37
C LEU A 12 -7.07 34.74 17.03
N ASP A 13 -5.90 35.27 16.67
CA ASP A 13 -5.75 36.70 16.38
C ASP A 13 -6.50 37.16 15.12
N ILE A 14 -6.91 36.23 14.26
CA ILE A 14 -7.71 36.57 13.09
C ILE A 14 -9.13 37.04 13.46
N TYR A 15 -9.56 36.74 14.69
CA TYR A 15 -10.89 37.14 15.13
C TYR A 15 -10.89 38.46 15.89
N THR A 16 -11.97 39.23 15.71
CA THR A 16 -12.25 40.40 16.56
C THR A 16 -12.49 39.89 17.98
N PRO A 17 -12.33 40.77 18.99
CA PRO A 17 -12.57 40.33 20.38
C PRO A 17 -13.91 39.61 20.62
N GLU A 18 -15.00 40.13 20.07
CA GLU A 18 -16.31 39.49 20.21
C GLU A 18 -16.34 38.10 19.55
N GLN A 19 -15.93 38.03 18.28
CA GLN A 19 -15.83 36.76 17.57
C GLN A 19 -14.97 35.77 18.35
N ARG A 20 -13.83 36.26 18.83
CA ARG A 20 -12.84 35.44 19.55
C ARG A 20 -13.43 34.72 20.77
N ALA A 21 -14.17 35.46 21.59
CA ALA A 21 -14.81 34.89 22.77
C ALA A 21 -15.73 33.73 22.42
N GLY A 22 -16.45 33.85 21.30
CA GLY A 22 -17.33 32.79 20.82
C GLY A 22 -16.55 31.57 20.39
N ILE A 23 -15.47 31.79 19.64
CA ILE A 23 -14.59 30.70 19.18
C ILE A 23 -14.04 29.91 20.38
N GLU A 24 -13.52 30.63 21.37
CA GLU A 24 -12.87 29.99 22.53
C GLU A 24 -13.79 29.10 23.37
N LYS A 25 -15.10 29.34 23.31
CA LYS A 25 -16.06 28.51 24.04
C LYS A 25 -16.62 27.38 23.19
N SER A 26 -16.40 27.43 21.88
CA SER A 26 -16.98 26.44 20.97
C SER A 26 -16.39 25.05 21.22
N GLU A 27 -17.18 24.03 20.88
CA GLU A 27 -16.75 22.63 21.00
C GLU A 27 -15.59 22.27 20.06
N ASP A 28 -15.67 22.71 18.80
CA ASP A 28 -14.60 22.49 17.83
C ASP A 28 -13.27 23.00 18.37
N TRP A 29 -13.27 24.24 18.87
CA TRP A 29 -12.05 24.83 19.41
C TRP A 29 -11.49 24.06 20.56
N ARG A 30 -12.33 23.68 21.52
CA ARG A 30 -11.84 22.94 22.68
C ARG A 30 -11.23 21.60 22.28
N GLN A 31 -11.79 20.95 21.24
CA GLN A 31 -11.26 19.68 20.75
C GLN A 31 -9.93 19.90 20.05
N PHE A 32 -9.87 20.94 19.23
CA PHE A 32 -8.64 21.32 18.52
C PHE A 32 -7.56 21.70 19.51
N SER A 33 -7.94 22.52 20.50
CA SER A 33 -7.03 22.99 21.53
C SER A 33 -6.43 21.83 22.32
N ARG A 34 -7.27 20.87 22.71
CA ARG A 34 -6.83 19.70 23.45
C ARG A 34 -5.83 18.86 22.63
N ARG A 35 -6.18 18.60 21.36
CA ARG A 35 -5.34 17.83 20.45
C ARG A 35 -4.02 18.54 20.14
N MET A 36 -4.07 19.86 20.01
CA MET A 36 -2.86 20.67 19.91
C MET A 36 -1.92 20.40 21.08
N ASP A 37 -2.45 20.40 22.30
CA ASP A 37 -1.60 20.20 23.47
C ASP A 37 -0.95 18.81 23.49
N THR A 38 -1.70 17.79 23.09
CA THR A 38 -1.20 16.42 23.05
C THR A 38 -0.21 16.19 21.91
N HIS A 39 -0.51 16.69 20.72
CA HIS A 39 0.22 16.29 19.53
C HIS A 39 1.18 17.32 18.98
N PHE A 40 1.07 18.58 19.40
CA PHE A 40 1.96 19.61 18.86
C PHE A 40 3.44 19.40 19.18
N PRO A 41 3.79 18.98 20.42
CA PRO A 41 5.21 18.73 20.70
C PRO A 41 5.85 17.74 19.74
N LYS A 42 5.11 16.71 19.30
CA LYS A 42 5.64 15.79 18.28
C LYS A 42 5.89 16.51 16.97
N LEU A 43 4.94 17.34 16.55
CA LEU A 43 5.05 18.07 15.28
C LEU A 43 6.26 18.99 15.28
N MET A 44 6.43 19.75 16.36
CA MET A 44 7.52 20.70 16.51
C MET A 44 8.86 19.99 16.50
N ASN A 45 8.97 18.90 17.24
CA ASN A 45 10.20 18.13 17.33
C ASN A 45 10.60 17.52 15.99
N GLU A 46 9.63 16.97 15.25
CA GLU A 46 9.92 16.34 13.97
C GLU A 46 10.35 17.38 12.93
N LEU A 47 9.61 18.48 12.86
CA LEU A 47 9.96 19.58 11.95
C LEU A 47 11.30 20.22 12.32
N ASP A 48 11.57 20.36 13.62
CA ASP A 48 12.85 20.86 14.11
C ASP A 48 14.02 19.97 13.67
N SER A 49 13.82 18.65 13.71
CA SER A 49 14.89 17.72 13.38
C SER A 49 15.29 17.82 11.91
N VAL A 50 14.34 18.20 11.07
CA VAL A 50 14.58 18.35 9.63
C VAL A 50 15.06 19.76 9.25
N TYR A 51 14.30 20.76 9.66
CA TYR A 51 14.58 22.13 9.23
C TYR A 51 15.48 22.93 10.17
N GLY A 52 15.59 22.49 11.43
CA GLY A 52 16.44 23.18 12.42
C GLY A 52 16.11 24.65 12.58
N ASN A 53 17.12 25.49 12.42
CA ASN A 53 16.98 26.95 12.61
C ASN A 53 16.54 27.72 11.36
N ASN A 54 15.98 27.00 10.38
CA ASN A 54 15.47 27.59 9.16
C ASN A 54 14.54 28.77 9.43
N GLU A 55 14.90 29.93 8.89
CA GLU A 55 14.10 31.15 8.98
C GLU A 55 12.62 30.92 8.66
N ALA A 56 12.35 30.07 7.68
CA ALA A 56 10.97 29.85 7.21
C ALA A 56 10.16 28.88 8.08
N LEU A 57 10.81 28.19 9.02
CA LEU A 57 10.12 27.17 9.82
C LEU A 57 8.95 27.72 10.64
N LEU A 58 9.23 28.71 11.48
CA LEU A 58 8.19 29.30 12.33
C LEU A 58 7.03 29.92 11.52
N PRO A 59 7.35 30.80 10.53
CA PRO A 59 6.25 31.33 9.70
C PRO A 59 5.47 30.24 8.94
N MET A 60 6.15 29.22 8.42
CA MET A 60 5.47 28.09 7.77
C MET A 60 4.53 27.40 8.75
N LEU A 61 5.05 27.18 9.96
CA LEU A 61 4.35 26.43 11.00
C LEU A 61 3.07 27.13 11.45
N GLU A 62 3.17 28.44 11.69
CA GLU A 62 1.97 29.20 12.06
C GLU A 62 0.96 29.19 10.91
N MET A 63 1.44 29.30 9.68
CA MET A 63 0.56 29.25 8.52
C MET A 63 -0.17 27.91 8.45
N LEU A 64 0.59 26.84 8.63
CA LEU A 64 0.03 25.48 8.62
C LEU A 64 -1.00 25.29 9.72
N LEU A 65 -0.70 25.77 10.92
CA LEU A 65 -1.61 25.60 12.06
C LEU A 65 -2.91 26.42 11.92
N ALA A 66 -2.81 27.60 11.32
CA ALA A 66 -3.99 28.40 10.97
C ALA A 66 -4.89 27.62 10.00
N GLN A 67 -4.27 27.00 8.99
CA GLN A 67 -4.98 26.12 8.05
C GLN A 67 -5.59 24.92 8.75
N ALA A 68 -4.79 24.27 9.60
CA ALA A 68 -5.26 23.12 10.38
C ALA A 68 -6.53 23.47 11.15
N TRP A 69 -6.54 24.65 11.78
CA TRP A 69 -7.74 25.11 12.49
C TRP A 69 -8.92 25.33 11.57
N GLN A 70 -8.70 26.04 10.46
CA GLN A 70 -9.78 26.28 9.51
C GLN A 70 -10.34 24.97 8.94
N SER A 71 -9.43 24.06 8.58
CA SER A 71 -9.83 22.75 8.08
C SER A 71 -10.69 21.98 9.09
N TYR A 72 -10.24 21.93 10.35
CA TYR A 72 -11.01 21.19 11.35
C TYR A 72 -12.34 21.88 11.67
N SER A 73 -12.35 23.20 11.66
CA SER A 73 -13.59 23.94 11.84
C SER A 73 -14.61 23.59 10.72
N GLN A 74 -14.13 23.50 9.49
CA GLN A 74 -14.99 23.16 8.34
C GLN A 74 -15.35 21.67 8.28
N ARG A 75 -14.54 20.83 8.92
CA ARG A 75 -14.73 19.38 8.89
C ARG A 75 -16.15 18.98 9.26
N ASN A 76 -16.79 18.15 8.43
CA ASN A 76 -18.14 17.65 8.71
C ASN A 76 -18.23 16.91 10.04
N SER A 77 -19.36 17.05 10.71
CA SER A 77 -19.60 16.47 12.03
C SER A 77 -19.57 14.95 12.03
N SER A 78 -19.98 14.37 10.91
CA SER A 78 -19.95 12.92 10.73
CA SER A 78 -19.96 12.92 10.75
C SER A 78 -18.53 12.41 10.80
N LEU A 79 -17.62 13.17 10.21
CA LEU A 79 -16.20 12.84 10.20
C LEU A 79 -15.59 13.10 11.58
N LYS A 80 -16.07 14.15 12.24
CA LYS A 80 -15.70 14.44 13.62
C LYS A 80 -16.06 13.32 14.60
N ASP A 81 -17.18 12.64 14.36
CA ASP A 81 -17.55 11.46 15.16
C ASP A 81 -16.59 10.29 14.94
N ILE A 82 -16.18 10.08 13.69
CA ILE A 82 -15.18 9.06 13.36
C ILE A 82 -13.81 9.43 13.97
N ASP A 83 -13.48 10.73 13.97
CA ASP A 83 -12.25 11.21 14.62
C ASP A 83 -12.20 10.71 16.06
N ILE A 84 -13.27 11.01 16.81
CA ILE A 84 -13.42 10.58 18.20
C ILE A 84 -13.39 9.04 18.35
N ALA A 85 -14.09 8.34 17.46
CA ALA A 85 -14.17 6.88 17.50
C ALA A 85 -12.79 6.23 17.36
N ARG A 86 -12.02 6.66 16.37
CA ARG A 86 -10.70 6.08 16.15
C ARG A 86 -9.65 6.55 17.15
N GLU A 87 -9.81 7.79 17.60
CA GLU A 87 -8.98 8.37 18.66
C GLU A 87 -8.96 7.48 19.90
N ASN A 88 -10.11 6.89 20.19
CA ASN A 88 -10.27 6.00 21.32
C ASN A 88 -10.29 4.53 20.91
N ASN A 89 -9.99 4.26 19.63
CA ASN A 89 -9.91 2.88 19.15
C ASN A 89 -8.76 2.70 18.13
N PRO A 90 -7.50 2.85 18.61
CA PRO A 90 -6.34 2.83 17.71
C PRO A 90 -6.14 1.52 16.95
N ASP A 91 -6.62 0.42 17.52
CA ASP A 91 -6.45 -0.89 16.92
C ASP A 91 -7.57 -1.32 15.97
N TRP A 92 -8.40 -0.38 15.51
CA TRP A 92 -9.47 -0.68 14.55
C TRP A 92 -8.89 -1.32 13.30
N ILE A 93 -7.65 -0.93 12.97
CA ILE A 93 -6.93 -1.45 11.80
C ILE A 93 -6.48 -2.91 11.95
N LEU A 94 -6.44 -3.40 13.19
CA LEU A 94 -5.97 -4.75 13.51
C LEU A 94 -7.10 -5.78 13.64
N SER A 95 -8.34 -5.33 13.50
CA SER A 95 -9.50 -6.20 13.63
C SER A 95 -9.59 -7.20 12.48
N ASN A 96 -9.88 -8.46 12.82
CA ASN A 96 -10.13 -9.48 11.80
C ASN A 96 -11.35 -9.16 10.96
N LYS A 97 -12.16 -8.19 11.40
CA LYS A 97 -13.32 -7.73 10.63
C LYS A 97 -12.91 -7.09 9.30
N GLN A 98 -11.68 -6.60 9.24
CA GLN A 98 -11.23 -5.85 8.07
C GLN A 98 -10.75 -6.74 6.91
N VAL A 99 -11.31 -6.47 5.73
CA VAL A 99 -10.88 -7.07 4.47
C VAL A 99 -10.96 -5.98 3.41
N GLY A 100 -9.84 -5.75 2.74
CA GLY A 100 -9.76 -4.65 1.77
C GLY A 100 -9.77 -5.10 0.33
N GLY A 101 -10.24 -4.20 -0.52
CA GLY A 101 -10.13 -4.37 -1.98
C GLY A 101 -9.51 -3.15 -2.65
N VAL A 102 -8.96 -3.36 -3.85
CA VAL A 102 -8.43 -2.27 -4.66
C VAL A 102 -8.84 -2.43 -6.14
N CYS A 103 -9.23 -1.33 -6.76
CA CYS A 103 -9.56 -1.32 -8.19
C CYS A 103 -9.35 0.08 -8.80
N TYR A 104 -9.18 0.13 -10.12
CA TYR A 104 -9.25 1.38 -10.87
C TYR A 104 -10.73 1.67 -11.13
N VAL A 105 -11.14 2.92 -10.90
CA VAL A 105 -12.52 3.33 -11.12
C VAL A 105 -12.95 3.10 -12.59
N ASP A 106 -12.10 3.50 -13.54
CA ASP A 106 -12.47 3.39 -14.95
C ASP A 106 -12.40 1.94 -15.46
N LEU A 107 -11.34 1.23 -15.09
CA LEU A 107 -11.17 -0.16 -15.53
C LEU A 107 -12.22 -1.10 -14.93
N PHE A 108 -12.55 -0.88 -13.66
CA PHE A 108 -13.48 -1.76 -12.96
C PHE A 108 -14.95 -1.38 -13.15
N ALA A 109 -15.23 -0.10 -13.36
CA ALA A 109 -16.62 0.37 -13.35
C ALA A 109 -16.94 1.59 -14.22
N GLY A 110 -16.03 1.94 -15.12
CA GLY A 110 -16.28 3.01 -16.09
C GLY A 110 -16.03 4.41 -15.56
N ASP A 111 -16.81 4.81 -14.56
CA ASP A 111 -16.68 6.12 -13.92
C ASP A 111 -17.12 6.04 -12.46
N LEU A 112 -17.14 7.18 -11.77
CA LEU A 112 -17.48 7.23 -10.34
C LEU A 112 -18.92 6.84 -10.02
N LYS A 113 -19.86 7.25 -10.87
CA LYS A 113 -21.26 6.82 -10.73
C LYS A 113 -21.38 5.31 -10.90
N GLY A 114 -20.57 4.75 -11.81
CA GLY A 114 -20.53 3.31 -12.05
C GLY A 114 -19.97 2.55 -10.84
N LEU A 115 -18.91 3.09 -10.23
CA LEU A 115 -18.31 2.51 -9.02
C LEU A 115 -19.33 2.47 -7.89
N LYS A 116 -20.06 3.57 -7.71
CA LYS A 116 -21.15 3.65 -6.73
C LYS A 116 -22.17 2.51 -6.92
N ASP A 117 -22.48 2.19 -8.18
CA ASP A 117 -23.38 1.07 -8.50
C ASP A 117 -22.78 -0.28 -8.15
N LYS A 118 -21.45 -0.36 -8.09
CA LYS A 118 -20.75 -1.59 -7.74
C LYS A 118 -20.64 -1.84 -6.22
N ILE A 119 -20.99 -0.84 -5.42
CA ILE A 119 -20.90 -0.92 -3.96
C ILE A 119 -21.71 -2.09 -3.35
N PRO A 120 -22.95 -2.35 -3.85
CA PRO A 120 -23.62 -3.56 -3.37
C PRO A 120 -22.80 -4.84 -3.57
N TYR A 121 -22.10 -4.97 -4.69
CA TYR A 121 -21.19 -6.10 -4.88
C TYR A 121 -20.05 -6.16 -3.84
N PHE A 122 -19.46 -5.01 -3.52
CA PHE A 122 -18.41 -4.97 -2.50
C PHE A 122 -18.91 -5.48 -1.14
N GLN A 123 -20.16 -5.15 -0.82
CA GLN A 123 -20.81 -5.65 0.39
C GLN A 123 -20.99 -7.17 0.30
N GLU A 124 -21.53 -7.64 -0.83
CA GLU A 124 -21.66 -9.07 -1.12
C GLU A 124 -20.33 -9.78 -0.84
N LEU A 125 -19.23 -9.21 -1.35
CA LEU A 125 -17.90 -9.77 -1.14
C LEU A 125 -17.40 -9.69 0.32
N GLY A 126 -17.86 -8.66 1.04
CA GLY A 126 -17.54 -8.49 2.46
C GLY A 126 -16.48 -7.44 2.76
N LEU A 127 -16.18 -6.60 1.77
CA LEU A 127 -15.15 -5.57 1.91
C LEU A 127 -15.52 -4.53 2.96
N THR A 128 -14.53 -4.09 3.72
CA THR A 128 -14.71 -3.04 4.73
C THR A 128 -13.79 -1.87 4.39
N TYR A 129 -13.16 -1.93 3.21
CA TYR A 129 -12.04 -1.06 2.89
C TYR A 129 -11.85 -1.10 1.37
N LEU A 130 -11.84 0.07 0.73
CA LEU A 130 -11.72 0.12 -0.72
C LEU A 130 -10.72 1.18 -1.16
N HIS A 131 -9.64 0.72 -1.77
CA HIS A 131 -8.66 1.62 -2.35
C HIS A 131 -9.05 1.91 -3.76
N LEU A 132 -9.31 3.18 -4.05
CA LEU A 132 -9.56 3.62 -5.42
C LEU A 132 -8.29 4.24 -5.99
N MET A 133 -7.87 3.74 -7.15
CA MET A 133 -6.62 4.17 -7.78
C MET A 133 -6.68 5.65 -8.18
N PRO A 134 -5.52 6.29 -8.45
CA PRO A 134 -5.46 7.76 -8.59
C PRO A 134 -6.62 8.37 -9.39
N LEU A 135 -7.29 9.34 -8.77
CA LEU A 135 -8.58 9.85 -9.24
C LEU A 135 -8.54 11.20 -9.93
N PHE A 136 -7.43 11.91 -9.74
CA PHE A 136 -7.34 13.31 -10.09
C PHE A 136 -6.63 13.58 -11.41
N LYS A 137 -6.71 14.82 -11.87
CA LYS A 137 -6.24 15.21 -13.21
C LYS A 137 -4.78 14.85 -13.47
N CYS A 138 -4.55 14.26 -14.63
CA CYS A 138 -3.22 13.87 -15.07
CA CYS A 138 -3.22 13.84 -15.09
C CYS A 138 -3.05 14.16 -16.57
N PRO A 139 -1.79 14.26 -17.05
CA PRO A 139 -1.65 14.50 -18.49
C PRO A 139 -2.23 13.34 -19.31
N GLU A 140 -2.73 13.66 -20.50
CA GLU A 140 -3.27 12.64 -21.37
C GLU A 140 -2.18 11.73 -21.94
N GLY A 141 -2.57 10.49 -22.23
CA GLY A 141 -1.62 9.49 -22.71
C GLY A 141 -0.84 8.93 -21.53
N LYS A 142 0.46 9.20 -21.51
CA LYS A 142 1.32 8.58 -20.49
C LYS A 142 1.33 9.38 -19.19
N SER A 143 0.95 8.72 -18.09
CA SER A 143 0.85 9.37 -16.78
C SER A 143 1.15 8.41 -15.62
N ASP A 144 1.87 7.32 -15.92
CA ASP A 144 2.14 6.27 -14.91
C ASP A 144 0.80 5.83 -14.29
N GLY A 145 -0.16 5.53 -15.16
CA GLY A 145 -1.51 5.15 -14.73
C GLY A 145 -2.12 6.04 -13.66
N GLY A 146 -1.95 7.36 -13.82
CA GLY A 146 -2.53 8.33 -12.88
C GLY A 146 -1.58 8.84 -11.79
N TYR A 147 -0.38 8.26 -11.70
CA TYR A 147 0.57 8.64 -10.66
C TYR A 147 1.41 9.90 -10.98
N ALA A 148 1.17 10.50 -12.14
CA ALA A 148 1.71 11.83 -12.45
C ALA A 148 0.59 12.87 -12.33
N VAL A 149 0.47 13.49 -11.16
CA VAL A 149 -0.68 14.37 -10.90
C VAL A 149 -0.48 15.80 -11.38
N SER A 150 -1.43 16.27 -12.20
CA SER A 150 -1.40 17.63 -12.77
C SER A 150 -2.22 18.60 -11.95
N SER A 151 -3.07 18.08 -11.08
CA SER A 151 -3.91 18.87 -10.17
C SER A 151 -4.49 17.98 -9.09
N TYR A 152 -4.19 18.31 -7.82
CA TYR A 152 -4.65 17.52 -6.68
C TYR A 152 -6.14 17.72 -6.35
N ARG A 153 -6.79 18.70 -6.97
CA ARG A 153 -8.17 19.07 -6.63
C ARG A 153 -9.19 18.67 -7.67
N ASP A 154 -8.79 18.72 -8.94
CA ASP A 154 -9.68 18.45 -10.05
C ASP A 154 -9.69 16.96 -10.39
N VAL A 155 -10.86 16.36 -10.26
CA VAL A 155 -11.07 14.97 -10.59
C VAL A 155 -10.87 14.76 -12.09
N ASN A 156 -10.22 13.66 -12.44
CA ASN A 156 -10.08 13.22 -13.82
C ASN A 156 -11.49 13.22 -14.45
N PRO A 157 -11.70 14.08 -15.47
CA PRO A 157 -13.07 14.29 -15.96
C PRO A 157 -13.71 13.03 -16.57
N ALA A 158 -12.88 12.08 -16.99
CA ALA A 158 -13.38 10.80 -17.49
C ALA A 158 -13.95 9.95 -16.36
N LEU A 159 -13.57 10.26 -15.13
CA LEU A 159 -14.09 9.55 -13.95
C LEU A 159 -15.36 10.21 -13.42
N GLY A 160 -15.46 11.52 -13.60
CA GLY A 160 -16.60 12.28 -13.10
C GLY A 160 -16.18 13.61 -12.53
N THR A 161 -16.91 14.04 -11.51
CA THR A 161 -16.71 15.34 -10.86
C THR A 161 -16.33 15.12 -9.39
N ILE A 162 -15.87 16.19 -8.74
CA ILE A 162 -15.63 16.17 -7.29
C ILE A 162 -16.92 15.83 -6.52
N GLY A 163 -18.06 16.28 -7.04
CA GLY A 163 -19.37 15.92 -6.51
C GLY A 163 -19.67 14.43 -6.54
N ASP A 164 -19.29 13.77 -7.64
CA ASP A 164 -19.42 12.31 -7.76
C ASP A 164 -18.57 11.58 -6.73
N LEU A 165 -17.37 12.10 -6.46
CA LEU A 165 -16.46 11.50 -5.49
C LEU A 165 -17.02 11.53 -4.06
N ARG A 166 -17.56 12.69 -3.68
CA ARG A 166 -18.24 12.84 -2.37
C ARG A 166 -19.40 11.86 -2.22
N GLU A 167 -20.22 11.73 -3.26
CA GLU A 167 -21.30 10.74 -3.27
C GLU A 167 -20.75 9.33 -3.05
N VAL A 168 -19.70 8.97 -3.79
CA VAL A 168 -19.05 7.67 -3.65
C VAL A 168 -18.57 7.43 -2.21
N ILE A 169 -17.84 8.40 -1.65
CA ILE A 169 -17.31 8.29 -0.28
C ILE A 169 -18.46 8.11 0.73
N ALA A 170 -19.49 8.94 0.61
CA ALA A 170 -20.67 8.84 1.49
C ALA A 170 -21.37 7.48 1.39
N ALA A 171 -21.49 6.97 0.17
CA ALA A 171 -22.11 5.67 -0.07
C ALA A 171 -21.25 4.49 0.43
N LEU A 172 -19.92 4.63 0.31
CA LEU A 172 -19.01 3.64 0.88
C LEU A 172 -19.21 3.62 2.38
N HIS A 173 -19.20 4.80 3.00
CA HIS A 173 -19.40 4.93 4.45
C HIS A 173 -20.71 4.32 4.90
N GLU A 174 -21.79 4.65 4.21
CA GLU A 174 -23.10 4.06 4.47
C GLU A 174 -23.05 2.52 4.43
N ALA A 175 -22.29 1.96 3.48
CA ALA A 175 -22.11 0.52 3.36
C ALA A 175 -21.12 -0.09 4.35
N GLY A 176 -20.58 0.74 5.26
CA GLY A 176 -19.59 0.26 6.23
C GLY A 176 -18.24 -0.03 5.58
N ILE A 177 -17.92 0.76 4.55
CA ILE A 177 -16.65 0.62 3.84
C ILE A 177 -15.83 1.90 3.99
N SER A 178 -14.59 1.76 4.50
CA SER A 178 -13.62 2.86 4.55
C SER A 178 -13.13 3.25 3.16
N ALA A 179 -12.95 4.56 2.94
CA ALA A 179 -12.43 5.07 1.67
C ALA A 179 -10.92 5.25 1.74
N VAL A 180 -10.22 4.70 0.76
CA VAL A 180 -8.76 4.69 0.74
C VAL A 180 -8.26 5.26 -0.59
N VAL A 181 -7.50 6.35 -0.52
CA VAL A 181 -7.01 7.01 -1.73
C VAL A 181 -5.51 7.29 -1.66
N ASP A 182 -4.91 7.55 -2.82
CA ASP A 182 -3.48 7.84 -2.93
C ASP A 182 -3.11 9.25 -2.51
N PHE A 183 -2.06 9.34 -1.70
CA PHE A 183 -1.46 10.62 -1.36
C PHE A 183 -0.13 10.66 -2.08
N ILE A 184 -0.13 11.25 -3.26
CA ILE A 184 1.02 11.21 -4.17
C ILE A 184 1.92 12.40 -3.85
N PHE A 185 2.71 12.25 -2.78
CA PHE A 185 3.39 13.37 -2.15
C PHE A 185 4.88 13.51 -2.43
N ASN A 186 5.47 12.53 -3.13
CA ASN A 186 6.88 12.62 -3.50
C ASN A 186 7.10 13.46 -4.76
N HIS A 187 6.13 13.47 -5.67
CA HIS A 187 6.31 14.09 -6.97
C HIS A 187 5.00 14.54 -7.54
N THR A 188 5.07 15.51 -8.45
CA THR A 188 3.90 15.89 -9.27
C THR A 188 4.27 15.65 -10.73
N SER A 189 3.26 15.67 -11.60
CA SER A 189 3.56 15.70 -13.04
C SER A 189 4.29 16.99 -13.40
N ASN A 190 4.99 16.99 -14.54
CA ASN A 190 5.66 18.18 -15.07
C ASN A 190 4.72 19.24 -15.61
N GLU A 191 3.43 18.91 -15.70
CA GLU A 191 2.40 19.84 -16.15
C GLU A 191 1.60 20.44 -14.99
N HIS A 192 1.92 20.02 -13.75
CA HIS A 192 1.35 20.65 -12.57
C HIS A 192 1.75 22.11 -12.54
N GLU A 193 0.83 22.94 -12.08
CA GLU A 193 1.06 24.38 -11.96
C GLU A 193 2.35 24.73 -11.21
N TRP A 194 2.57 24.10 -10.05
CA TRP A 194 3.80 24.33 -9.26
C TRP A 194 5.05 24.07 -10.06
N ALA A 195 5.04 22.98 -10.81
CA ALA A 195 6.17 22.58 -11.66
C ALA A 195 6.47 23.63 -12.74
N GLN A 196 5.44 24.03 -13.49
CA GLN A 196 5.57 25.07 -14.52
C GLN A 196 6.12 26.36 -13.95
N ARG A 197 5.50 26.83 -12.87
CA ARG A 197 5.87 28.10 -12.25
C ARG A 197 7.27 28.05 -11.64
N CYS A 198 7.61 26.93 -11.01
CA CYS A 198 8.95 26.76 -10.46
C CYS A 198 9.98 26.89 -11.58
N ALA A 199 9.79 26.13 -12.65
CA ALA A 199 10.72 26.11 -13.80
C ALA A 199 10.77 27.47 -14.52
N ALA A 200 9.65 28.18 -14.55
CA ALA A 200 9.57 29.52 -15.15
C ALA A 200 10.27 30.59 -14.30
N GLY A 201 10.68 30.23 -13.09
CA GLY A 201 11.43 31.14 -12.23
C GLY A 201 10.56 32.09 -11.43
N ASP A 202 9.29 31.72 -11.25
CA ASP A 202 8.38 32.44 -10.37
C ASP A 202 8.85 32.29 -8.91
N PRO A 203 9.21 33.41 -8.24
CA PRO A 203 9.80 33.37 -6.90
C PRO A 203 8.94 32.68 -5.86
N LEU A 204 7.62 32.69 -6.05
CA LEU A 204 6.72 31.98 -5.14
C LEU A 204 6.99 30.47 -5.16
N PHE A 205 7.41 29.94 -6.29
CA PHE A 205 7.69 28.50 -6.37
C PHE A 205 9.19 28.13 -6.44
N ASP A 206 10.02 29.04 -5.95
CA ASP A 206 11.46 28.79 -5.82
C ASP A 206 11.68 27.55 -4.96
N ASN A 207 12.60 26.69 -5.39
CA ASN A 207 12.99 25.51 -4.62
C ASN A 207 11.84 24.53 -4.32
N PHE A 208 10.88 24.42 -5.23
CA PHE A 208 9.79 23.46 -5.07
C PHE A 208 10.16 22.07 -5.62
N TYR A 209 11.18 22.04 -6.46
CA TYR A 209 11.68 20.83 -7.10
C TYR A 209 13.20 20.96 -7.10
N TYR A 210 13.91 19.94 -7.60
CA TYR A 210 15.37 19.98 -7.65
C TYR A 210 15.86 20.19 -9.07
N ILE A 211 16.17 21.44 -9.40
CA ILE A 211 16.61 21.79 -10.75
C ILE A 211 18.08 22.22 -10.77
N PHE A 212 18.85 21.64 -11.70
CA PHE A 212 20.30 21.85 -11.77
C PHE A 212 20.69 22.42 -13.14
N PRO A 213 21.79 23.22 -13.19
CA PRO A 213 22.21 23.84 -14.46
C PRO A 213 22.77 22.87 -15.51
N ASP A 214 23.33 21.76 -15.06
CA ASP A 214 24.03 20.82 -15.92
C ASP A 214 24.09 19.45 -15.23
N ARG A 215 24.95 18.55 -15.73
CA ARG A 215 25.07 17.19 -15.19
C ARG A 215 26.00 17.03 -13.97
N ARG A 216 26.64 18.12 -13.54
CA ARG A 216 27.63 18.02 -12.45
C ARG A 216 27.08 17.33 -11.20
N MET A 217 26.01 17.88 -10.62
CA MET A 217 25.42 17.27 -9.42
CA MET A 217 25.41 17.28 -9.42
C MET A 217 24.64 16.00 -9.76
N PRO A 218 23.84 16.01 -10.85
CA PRO A 218 23.18 14.75 -11.20
C PRO A 218 24.12 13.54 -11.35
N ASP A 219 25.28 13.72 -11.98
CA ASP A 219 26.28 12.64 -12.12
C ASP A 219 26.77 12.21 -10.75
N GLN A 220 26.96 13.20 -9.88
CA GLN A 220 27.37 12.94 -8.51
C GLN A 220 26.33 12.11 -7.76
N TYR A 221 25.07 12.52 -7.87
CA TYR A 221 23.96 11.83 -7.22
C TYR A 221 23.78 10.42 -7.77
N ASP A 222 23.84 10.28 -9.10
CA ASP A 222 23.61 9.00 -9.78
C ASP A 222 24.60 7.90 -9.37
N ARG A 223 25.73 8.28 -8.77
CA ARG A 223 26.70 7.31 -8.23
C ARG A 223 26.04 6.35 -7.24
N THR A 224 25.06 6.83 -6.47
CA THR A 224 24.41 6.00 -5.45
C THR A 224 22.89 5.88 -5.59
N LEU A 225 22.36 6.22 -6.76
CA LEU A 225 20.91 6.10 -6.99
C LEU A 225 20.54 4.78 -7.64
N ARG A 226 19.53 4.13 -7.06
CA ARG A 226 18.95 2.93 -7.64
C ARG A 226 18.02 3.38 -8.78
N GLU A 227 17.96 2.61 -9.86
CA GLU A 227 17.14 2.97 -11.01
C GLU A 227 15.78 2.27 -10.93
N ILE A 228 14.70 3.06 -10.94
CA ILE A 228 13.35 2.53 -10.73
C ILE A 228 12.71 2.15 -12.07
N PHE A 229 12.73 3.07 -13.04
CA PHE A 229 12.28 2.76 -14.40
C PHE A 229 13.42 2.95 -15.40
N PRO A 230 14.44 2.06 -15.37
CA PRO A 230 15.64 2.21 -16.21
C PRO A 230 15.34 2.24 -17.71
N ASP A 231 14.23 1.61 -18.14
CA ASP A 231 13.74 1.71 -19.52
C ASP A 231 13.50 3.15 -19.96
N GLN A 232 13.02 3.98 -19.05
CA GLN A 232 12.59 5.34 -19.37
C GLN A 232 13.74 6.34 -19.39
N HIS A 233 14.65 6.23 -18.43
CA HIS A 233 15.84 7.09 -18.38
C HIS A 233 16.82 6.52 -17.40
N PRO A 234 18.12 6.84 -17.56
CA PRO A 234 19.12 6.43 -16.57
C PRO A 234 19.10 7.28 -15.29
N GLY A 235 19.59 6.71 -14.19
CA GLY A 235 19.73 7.43 -12.92
C GLY A 235 18.47 8.12 -12.39
N GLY A 236 18.67 9.27 -11.74
CA GLY A 236 17.58 9.96 -11.08
C GLY A 236 17.11 11.26 -11.71
N PHE A 237 17.57 11.55 -12.93
CA PHE A 237 17.38 12.90 -13.51
C PHE A 237 16.98 12.92 -14.99
N SER A 238 16.25 13.96 -15.38
CA SER A 238 15.78 14.15 -16.75
C SER A 238 16.07 15.58 -17.22
N GLN A 239 16.31 15.75 -18.52
CA GLN A 239 16.65 17.06 -19.05
C GLN A 239 15.44 17.87 -19.52
N LEU A 240 15.38 19.13 -19.09
CA LEU A 240 14.35 20.07 -19.57
C LEU A 240 14.68 20.50 -21.01
N GLU A 241 13.74 21.17 -21.68
CA GLU A 241 14.00 21.65 -23.04
C GLU A 241 15.04 22.79 -23.05
N ASP A 242 15.08 23.60 -22.00
CA ASP A 242 16.06 24.68 -21.91
C ASP A 242 17.47 24.24 -21.46
N GLY A 243 17.70 22.94 -21.35
CA GLY A 243 19.03 22.41 -21.06
C GLY A 243 19.30 22.03 -19.62
N ARG A 244 18.47 22.51 -18.69
CA ARG A 244 18.61 22.20 -17.26
C ARG A 244 18.18 20.77 -16.95
N TRP A 245 18.57 20.27 -15.78
CA TRP A 245 18.21 18.92 -15.33
C TRP A 245 17.37 18.95 -14.09
N VAL A 246 16.39 18.05 -14.02
CA VAL A 246 15.47 18.01 -12.89
C VAL A 246 15.42 16.60 -12.29
N TRP A 247 15.27 16.52 -10.97
CA TRP A 247 15.14 15.25 -10.25
C TRP A 247 13.87 14.54 -10.61
N THR A 248 14.01 13.38 -11.24
CA THR A 248 12.88 12.55 -11.64
C THR A 248 13.18 11.08 -11.28
N THR A 249 12.80 10.69 -10.08
CA THR A 249 13.02 9.33 -9.60
C THR A 249 12.24 8.33 -10.47
N PHE A 250 11.05 8.73 -10.90
CA PHE A 250 10.20 7.82 -11.65
C PHE A 250 10.24 8.12 -13.16
N ASN A 251 9.10 8.37 -13.80
CA ASN A 251 9.13 8.80 -15.19
C ASN A 251 9.64 10.24 -15.33
N SER A 252 10.08 10.61 -16.52
CA SER A 252 10.60 11.95 -16.80
CA SER A 252 10.60 11.94 -16.80
C SER A 252 9.55 13.03 -16.56
N PHE A 253 8.29 12.66 -16.68
CA PHE A 253 7.17 13.58 -16.46
C PHE A 253 6.67 13.57 -15.00
N GLN A 254 7.44 12.96 -14.10
CA GLN A 254 7.19 13.04 -12.66
C GLN A 254 8.36 13.73 -11.97
N TRP A 255 8.13 14.94 -11.46
CA TRP A 255 9.19 15.74 -10.84
C TRP A 255 9.13 15.64 -9.35
N ASP A 256 10.26 15.29 -8.72
CA ASP A 256 10.29 15.12 -7.27
C ASP A 256 10.12 16.47 -6.56
N LEU A 257 9.19 16.52 -5.60
CA LEU A 257 9.00 17.72 -4.79
C LEU A 257 10.16 17.91 -3.82
N ASN A 258 10.50 19.18 -3.57
CA ASN A 258 11.66 19.53 -2.75
C ASN A 258 11.30 19.75 -1.27
N TYR A 259 11.32 18.67 -0.49
CA TYR A 259 11.00 18.77 0.94
C TYR A 259 12.03 19.51 1.78
N SER A 260 13.22 19.80 1.22
CA SER A 260 14.20 20.62 1.93
C SER A 260 13.71 22.06 2.04
N ASN A 261 12.70 22.38 1.24
CA ASN A 261 11.95 23.63 1.33
C ASN A 261 10.71 23.42 2.23
N PRO A 262 10.70 24.02 3.44
CA PRO A 262 9.55 23.88 4.36
C PRO A 262 8.21 24.25 3.73
N TRP A 263 8.21 25.16 2.75
CA TRP A 263 6.98 25.53 2.06
C TRP A 263 6.37 24.41 1.27
N VAL A 264 7.20 23.47 0.81
CA VAL A 264 6.71 22.23 0.19
C VAL A 264 5.94 21.36 1.19
N PHE A 265 6.46 21.23 2.42
CA PHE A 265 5.77 20.48 3.45
C PHE A 265 4.37 21.07 3.67
N ARG A 266 4.34 22.38 3.90
CA ARG A 266 3.09 23.10 4.12
C ARG A 266 2.09 22.90 2.97
N ALA A 267 2.59 23.01 1.73
CA ALA A 267 1.77 22.82 0.54
C ALA A 267 1.10 21.44 0.54
N MET A 268 1.90 20.41 0.81
CA MET A 268 1.40 19.04 0.80
C MET A 268 0.50 18.75 2.01
N ALA A 269 0.80 19.37 3.14
CA ALA A 269 -0.07 19.26 4.31
C ALA A 269 -1.44 19.87 4.01
N GLY A 270 -1.46 20.98 3.29
CA GLY A 270 -2.73 21.56 2.83
C GLY A 270 -3.50 20.60 1.95
N GLU A 271 -2.79 19.90 1.07
CA GLU A 271 -3.39 18.87 0.22
C GLU A 271 -3.93 17.70 1.05
N MET A 272 -3.18 17.33 2.09
CA MET A 272 -3.60 16.26 2.99
C MET A 272 -4.88 16.62 3.73
N LEU A 273 -5.03 17.88 4.12
CA LEU A 273 -6.20 18.35 4.86
C LEU A 273 -7.43 18.38 3.95
N PHE A 274 -7.21 18.75 2.69
CA PHE A 274 -8.25 18.72 1.67
C PHE A 274 -8.83 17.31 1.51
N LEU A 275 -7.94 16.33 1.36
CA LEU A 275 -8.36 14.93 1.21
C LEU A 275 -9.05 14.42 2.46
N ALA A 276 -8.49 14.76 3.61
CA ALA A 276 -9.09 14.46 4.91
C ALA A 276 -10.55 14.90 4.99
N ASN A 277 -10.82 16.14 4.57
CA ASN A 277 -12.16 16.69 4.66
C ASN A 277 -13.12 16.18 3.58
N LEU A 278 -12.60 15.42 2.61
CA LEU A 278 -13.47 14.66 1.72
C LEU A 278 -14.03 13.41 2.40
N GLY A 279 -13.51 13.08 3.58
CA GLY A 279 -13.91 11.88 4.31
C GLY A 279 -13.05 10.66 4.06
N VAL A 280 -11.87 10.85 3.46
CA VAL A 280 -10.91 9.77 3.28
C VAL A 280 -10.46 9.20 4.62
N ASP A 281 -10.52 7.87 4.76
CA ASP A 281 -10.16 7.19 6.00
C ASP A 281 -8.68 6.84 6.05
N ILE A 282 -8.16 6.38 4.92
CA ILE A 282 -6.75 6.00 4.84
C ILE A 282 -6.09 6.61 3.62
N LEU A 283 -4.96 7.27 3.86
CA LEU A 283 -4.15 7.81 2.78
C LEU A 283 -3.00 6.87 2.48
N ARG A 284 -2.91 6.45 1.23
CA ARG A 284 -1.80 5.63 0.76
C ARG A 284 -0.63 6.55 0.45
N MET A 285 0.36 6.52 1.34
CA MET A 285 1.57 7.34 1.21
C MET A 285 2.49 6.76 0.14
N ASP A 286 2.30 7.23 -1.09
CA ASP A 286 3.02 6.76 -2.27
C ASP A 286 4.52 7.08 -2.22
N ALA A 287 5.35 6.09 -2.48
CA ALA A 287 6.81 6.30 -2.52
C ALA A 287 7.39 7.02 -1.29
N VAL A 288 7.01 6.59 -0.09
CA VAL A 288 7.55 7.19 1.15
C VAL A 288 9.08 7.29 1.24
N PRO A 289 9.83 6.30 0.70
CA PRO A 289 11.29 6.36 0.90
C PRO A 289 11.98 7.56 0.26
N CYS A 290 11.36 8.16 -0.76
CA CYS A 290 12.06 9.12 -1.61
C CYS A 290 12.03 10.60 -1.18
N ILE A 291 11.30 10.93 -0.12
CA ILE A 291 11.05 12.36 0.18
C ILE A 291 12.23 13.16 0.77
N TRP A 292 13.38 12.52 0.94
CA TRP A 292 14.59 13.25 1.33
C TRP A 292 15.79 12.84 0.53
N LYS A 293 16.59 13.82 0.14
CA LYS A 293 17.77 13.58 -0.69
C LYS A 293 19.03 14.01 0.04
N GLN A 294 20.12 13.30 -0.20
CA GLN A 294 21.43 13.66 0.34
C GLN A 294 22.54 13.02 -0.49
N MET A 295 23.47 13.86 -0.94
CA MET A 295 24.63 13.41 -1.71
C MET A 295 25.36 12.25 -1.04
N GLY A 296 25.70 11.22 -1.82
CA GLY A 296 26.44 10.07 -1.30
C GLY A 296 25.57 8.97 -0.70
N THR A 297 24.26 9.22 -0.59
CA THR A 297 23.32 8.21 -0.08
C THR A 297 22.41 7.77 -1.21
N SER A 298 21.62 6.73 -0.95
CA SER A 298 20.67 6.24 -1.95
C SER A 298 19.48 7.18 -2.14
N CYS A 299 19.39 8.19 -1.27
CA CYS A 299 18.25 9.11 -1.23
C CYS A 299 16.93 8.36 -1.03
N GLU A 300 17.00 7.30 -0.22
CA GLU A 300 15.83 6.54 0.22
C GLU A 300 16.00 6.19 1.69
N ASN A 301 14.88 6.21 2.41
CA ASN A 301 14.83 5.78 3.82
C ASN A 301 15.66 6.65 4.75
N LEU A 302 15.99 7.87 4.32
CA LEU A 302 16.79 8.76 5.15
C LEU A 302 15.99 9.20 6.38
N PRO A 303 16.68 9.48 7.51
CA PRO A 303 15.99 9.80 8.75
C PRO A 303 15.00 10.97 8.63
N GLN A 304 15.38 11.98 7.84
CA GLN A 304 14.51 13.13 7.60
C GLN A 304 13.23 12.72 6.88
N ALA A 305 13.31 11.69 6.03
CA ALA A 305 12.11 11.20 5.36
C ALA A 305 11.12 10.63 6.37
N HIS A 306 11.63 9.91 7.36
CA HIS A 306 10.79 9.34 8.43
C HIS A 306 10.19 10.42 9.29
N ALA A 307 10.99 11.43 9.62
CA ALA A 307 10.55 12.56 10.46
C ALA A 307 9.41 13.35 9.82
N LEU A 308 9.53 13.65 8.53
CA LEU A 308 8.49 14.37 7.79
C LEU A 308 7.15 13.65 7.83
N ILE A 309 7.19 12.33 7.65
CA ILE A 309 5.98 11.51 7.69
C ILE A 309 5.39 11.55 9.11
N ARG A 310 6.25 11.49 10.12
CA ARG A 310 5.81 11.63 11.49
C ARG A 310 5.23 13.03 11.73
N ALA A 311 5.79 14.04 11.06
CA ALA A 311 5.18 15.37 11.12
C ALA A 311 3.76 15.39 10.48
N PHE A 312 3.62 14.79 9.30
CA PHE A 312 2.29 14.65 8.66
C PHE A 312 1.30 13.94 9.59
N ASN A 313 1.77 12.88 10.26
CA ASN A 313 0.94 12.10 11.17
C ASN A 313 0.37 13.00 12.27
N ALA A 314 1.23 13.81 12.88
CA ALA A 314 0.85 14.75 13.93
C ALA A 314 -0.17 15.78 13.44
N VAL A 315 -0.04 16.23 12.19
CA VAL A 315 -1.03 17.14 11.60
C VAL A 315 -2.41 16.47 11.57
N MET A 316 -2.46 15.20 11.21
CA MET A 316 -3.73 14.45 11.24
C MET A 316 -4.25 14.24 12.67
N ARG A 317 -3.36 13.98 13.62
CA ARG A 317 -3.77 13.81 15.03
C ARG A 317 -4.43 15.08 15.56
N ILE A 318 -4.03 16.21 15.00
CA ILE A 318 -4.52 17.52 15.43
C ILE A 318 -5.82 17.88 14.72
N ALA A 319 -5.84 17.73 13.38
CA ALA A 319 -6.90 18.28 12.54
C ALA A 319 -7.84 17.30 11.83
N ALA A 320 -7.47 16.01 11.81
CA ALA A 320 -8.38 14.98 11.29
C ALA A 320 -8.00 13.60 11.81
N PRO A 321 -8.25 13.36 13.13
CA PRO A 321 -7.76 12.14 13.80
C PRO A 321 -8.15 10.81 13.15
N ALA A 322 -9.25 10.80 12.38
CA ALA A 322 -9.71 9.60 11.68
C ALA A 322 -8.78 9.12 10.59
N VAL A 323 -7.96 10.03 10.05
CA VAL A 323 -7.17 9.76 8.85
C VAL A 323 -5.89 9.01 9.21
N PHE A 324 -5.81 7.76 8.78
CA PHE A 324 -4.66 6.90 8.98
C PHE A 324 -3.82 6.82 7.70
N PHE A 325 -2.58 6.33 7.83
CA PHE A 325 -1.63 6.27 6.73
C PHE A 325 -1.28 4.83 6.38
N LYS A 326 -1.21 4.54 5.09
CA LYS A 326 -0.69 3.28 4.58
C LYS A 326 0.64 3.53 3.84
N SER A 327 1.73 2.99 4.37
CA SER A 327 3.06 3.20 3.80
C SER A 327 3.31 2.34 2.56
N GLU A 328 3.76 2.95 1.47
CA GLU A 328 4.29 2.19 0.33
C GLU A 328 5.81 2.32 0.31
N ALA A 329 6.48 1.31 0.85
CA ALA A 329 7.93 1.22 0.83
C ALA A 329 8.33 -0.13 0.25
N ILE A 330 8.62 -0.16 -1.04
CA ILE A 330 9.04 -1.40 -1.69
C ILE A 330 10.57 -1.40 -1.69
N VAL A 331 11.12 -1.78 -0.54
CA VAL A 331 12.56 -1.66 -0.27
C VAL A 331 13.01 -2.85 0.58
N HIS A 332 14.30 -2.90 0.91
CA HIS A 332 14.85 -3.89 1.84
C HIS A 332 13.96 -4.02 3.06
N PRO A 333 13.66 -5.26 3.51
CA PRO A 333 12.81 -5.48 4.68
C PRO A 333 13.24 -4.72 5.95
N ASP A 334 14.55 -4.53 6.15
CA ASP A 334 15.00 -3.72 7.29
C ASP A 334 14.44 -2.30 7.20
N GLN A 335 14.35 -1.79 5.98
N GLN A 335 14.33 -1.77 5.98
CA GLN A 335 13.85 -0.43 5.74
CA GLN A 335 13.84 -0.42 5.79
C GLN A 335 12.32 -0.37 5.77
C GLN A 335 12.31 -0.32 5.68
N VAL A 336 11.67 -1.38 5.18
CA VAL A 336 10.19 -1.43 5.10
C VAL A 336 9.54 -1.18 6.46
N VAL A 337 10.03 -1.91 7.47
CA VAL A 337 9.39 -1.97 8.78
C VAL A 337 9.51 -0.65 9.55
N GLN A 338 10.49 0.18 9.20
CA GLN A 338 10.75 1.42 9.92
C GLN A 338 9.70 2.52 9.70
N TYR A 339 8.92 2.40 8.61
CA TYR A 339 7.82 3.34 8.34
C TYR A 339 6.60 3.05 9.20
N ILE A 340 6.55 1.85 9.77
CA ILE A 340 5.38 1.40 10.50
C ILE A 340 5.50 1.76 11.97
N GLY A 341 4.57 2.58 12.44
CA GLY A 341 4.57 3.12 13.80
C GLY A 341 3.27 3.87 14.03
N GLN A 342 2.80 3.89 15.27
CA GLN A 342 1.59 4.61 15.59
C GLN A 342 1.74 6.09 15.25
N ASP A 343 2.94 6.63 15.46
CA ASP A 343 3.23 8.03 15.15
C ASP A 343 3.79 8.24 13.73
N GLU A 344 3.86 7.18 12.92
CA GLU A 344 4.33 7.30 11.54
C GLU A 344 3.25 6.84 10.56
N CYS A 345 3.41 5.67 9.94
CA CYS A 345 2.32 5.06 9.19
C CYS A 345 1.79 3.88 10.00
N GLN A 346 0.55 4.00 10.47
CA GLN A 346 -0.08 2.97 11.29
C GLN A 346 -0.17 1.63 10.55
N ILE A 347 -0.35 1.66 9.23
CA ILE A 347 -0.27 0.44 8.43
C ILE A 347 0.72 0.62 7.28
N GLY A 348 1.13 -0.50 6.68
CA GLY A 348 2.03 -0.46 5.52
C GLY A 348 1.98 -1.73 4.70
N TYR A 349 2.23 -1.60 3.40
CA TYR A 349 2.32 -2.77 2.53
C TYR A 349 3.37 -3.74 3.04
N ASN A 350 3.07 -5.03 2.88
CA ASN A 350 3.96 -6.09 3.29
C ASN A 350 4.56 -6.80 2.06
N PRO A 351 5.47 -6.13 1.32
CA PRO A 351 6.03 -6.73 0.11
C PRO A 351 6.83 -8.02 0.36
N LEU A 352 7.48 -8.13 1.51
CA LEU A 352 8.22 -9.34 1.82
C LEU A 352 7.33 -10.58 1.79
N GLN A 353 6.17 -10.52 2.46
CA GLN A 353 5.28 -11.68 2.49
C GLN A 353 4.76 -11.97 1.08
N MET A 354 4.43 -10.91 0.35
CA MET A 354 3.86 -11.02 -0.99
C MET A 354 4.85 -11.69 -1.95
N ALA A 355 6.05 -11.12 -2.05
CA ALA A 355 7.11 -11.71 -2.88
C ALA A 355 7.41 -13.16 -2.52
N LEU A 356 7.43 -13.48 -1.22
CA LEU A 356 7.74 -14.83 -0.77
C LEU A 356 6.60 -15.82 -0.98
N LEU A 357 5.36 -15.34 -1.03
CA LEU A 357 4.24 -16.20 -1.46
C LEU A 357 4.54 -16.75 -2.86
N TRP A 358 4.95 -15.86 -3.76
CA TRP A 358 5.25 -16.24 -5.14
C TRP A 358 6.50 -17.07 -5.25
N ASN A 359 7.55 -16.69 -4.52
CA ASN A 359 8.77 -17.50 -4.43
C ASN A 359 8.44 -18.96 -4.10
N THR A 360 7.60 -19.14 -3.08
CA THR A 360 7.30 -20.45 -2.55
C THR A 360 6.51 -21.30 -3.55
N LEU A 361 5.61 -20.69 -4.31
CA LEU A 361 4.93 -21.41 -5.39
C LEU A 361 5.94 -21.91 -6.42
N ALA A 362 6.95 -21.10 -6.71
CA ALA A 362 7.97 -21.45 -7.69
C ALA A 362 8.86 -22.60 -7.17
N THR A 363 9.44 -22.41 -6.00
CA THR A 363 10.41 -23.37 -5.47
C THR A 363 9.79 -24.58 -4.76
N ARG A 364 8.52 -24.47 -4.38
CA ARG A 364 7.80 -25.48 -3.56
C ARG A 364 8.34 -25.58 -2.14
N GLU A 365 9.27 -24.68 -1.80
CA GLU A 365 9.96 -24.72 -0.52
C GLU A 365 9.68 -23.48 0.33
N VAL A 366 9.14 -23.73 1.53
CA VAL A 366 8.66 -22.65 2.41
C VAL A 366 9.75 -21.95 3.23
N ASN A 367 11.01 -22.40 3.08
CA ASN A 367 12.12 -21.88 3.90
C ASN A 367 12.16 -20.36 4.08
N LEU A 368 12.15 -19.62 2.96
CA LEU A 368 12.21 -18.15 3.01
C LEU A 368 10.97 -17.56 3.67
N LEU A 369 9.80 -18.05 3.28
CA LEU A 369 8.54 -17.61 3.87
C LEU A 369 8.51 -17.88 5.38
N HIS A 370 8.91 -19.07 5.79
CA HIS A 370 8.94 -19.45 7.20
C HIS A 370 9.83 -18.51 7.96
N GLN A 371 11.02 -18.26 7.41
CA GLN A 371 11.98 -17.32 8.00
C GLN A 371 11.34 -15.94 8.20
N ALA A 372 10.69 -15.43 7.16
CA ALA A 372 10.04 -14.12 7.20
C ALA A 372 8.92 -14.07 8.23
N LEU A 373 8.09 -15.11 8.26
CA LEU A 373 6.98 -15.18 9.22
C LEU A 373 7.48 -15.34 10.66
N THR A 374 8.66 -15.94 10.83
CA THR A 374 9.26 -16.10 12.14
C THR A 374 9.88 -14.81 12.69
N TYR A 375 10.61 -14.08 11.85
CA TYR A 375 11.44 -12.95 12.33
C TYR A 375 11.06 -11.56 11.88
N ARG A 376 10.11 -11.45 10.95
CA ARG A 376 9.77 -10.14 10.38
C ARG A 376 8.27 -9.85 10.31
N HIS A 377 7.45 -10.67 10.94
CA HIS A 377 6.00 -10.48 10.85
C HIS A 377 5.43 -9.60 11.94
N ASN A 378 5.86 -9.83 13.18
CA ASN A 378 5.28 -9.16 14.33
C ASN A 378 5.66 -7.69 14.38
N LEU A 379 4.69 -6.84 14.73
CA LEU A 379 4.85 -5.38 14.66
C LEU A 379 4.57 -4.73 16.00
N PRO A 380 5.04 -3.47 16.19
CA PRO A 380 4.72 -2.72 17.40
C PRO A 380 3.21 -2.61 17.59
N GLU A 381 2.78 -2.36 18.83
CA GLU A 381 1.37 -2.19 19.14
C GLU A 381 0.76 -1.11 18.29
N HIS A 382 -0.52 -1.28 17.97
CA HIS A 382 -1.31 -0.28 17.24
C HIS A 382 -0.91 -0.09 15.80
N THR A 383 -0.27 -1.10 15.23
CA THR A 383 0.12 -1.07 13.81
C THR A 383 -0.19 -2.43 13.19
N ALA A 384 -0.20 -2.48 11.85
CA ALA A 384 -0.58 -3.70 11.12
C ALA A 384 0.04 -3.72 9.72
N TRP A 385 0.32 -4.90 9.19
CA TRP A 385 0.65 -5.05 7.79
C TRP A 385 -0.59 -4.94 6.95
N VAL A 386 -0.42 -4.50 5.70
CA VAL A 386 -1.38 -4.77 4.65
C VAL A 386 -0.82 -5.95 3.86
N ASN A 387 -1.49 -7.10 3.95
CA ASN A 387 -1.04 -8.32 3.31
C ASN A 387 -1.74 -8.49 1.98
N TYR A 388 -0.96 -8.69 0.92
CA TYR A 388 -1.52 -8.74 -0.42
C TYR A 388 -0.90 -9.84 -1.26
N VAL A 389 -1.59 -10.20 -2.33
CA VAL A 389 -1.11 -11.24 -3.23
C VAL A 389 -0.66 -10.59 -4.53
N ARG A 390 -1.47 -9.69 -5.06
CA ARG A 390 -1.11 -8.90 -6.24
C ARG A 390 -1.54 -7.44 -6.06
N SER A 391 -1.05 -6.55 -6.92
CA SER A 391 -1.40 -5.14 -6.87
C SER A 391 -1.38 -4.62 -8.30
N HIS A 392 -1.52 -3.30 -8.43
CA HIS A 392 -1.43 -2.65 -9.76
C HIS A 392 -0.04 -2.68 -10.31
N ASP A 393 0.94 -2.95 -9.45
CA ASP A 393 2.35 -2.95 -9.85
C ASP A 393 2.88 -4.35 -10.13
N ASP A 394 4.00 -4.37 -10.84
CA ASP A 394 4.86 -5.53 -10.95
C ASP A 394 5.20 -6.14 -9.59
N ILE A 395 5.67 -7.38 -9.62
CA ILE A 395 6.26 -8.01 -8.43
C ILE A 395 7.77 -7.80 -8.41
N GLY A 396 8.28 -7.24 -7.32
CA GLY A 396 9.72 -7.18 -7.06
C GLY A 396 10.12 -8.23 -6.02
N TRP A 397 11.34 -8.76 -6.17
CA TRP A 397 11.87 -9.80 -5.29
C TRP A 397 12.63 -9.20 -4.13
N THR A 398 11.90 -8.46 -3.29
CA THR A 398 12.51 -7.63 -2.27
C THR A 398 12.75 -8.35 -0.94
N PHE A 399 13.18 -9.61 -1.00
CA PHE A 399 13.66 -10.32 0.19
C PHE A 399 15.09 -9.91 0.50
N ALA A 400 15.53 -10.14 1.73
CA ALA A 400 16.85 -9.74 2.16
C ALA A 400 17.92 -10.76 1.74
N ASP A 401 18.94 -10.28 1.03
CA ASP A 401 20.09 -11.11 0.63
C ASP A 401 20.75 -11.71 1.84
N GLU A 402 20.78 -10.96 2.94
CA GLU A 402 21.41 -11.40 4.18
C GLU A 402 20.59 -12.53 4.81
N ASP A 403 19.26 -12.45 4.71
CA ASP A 403 18.38 -13.50 5.21
C ASP A 403 18.58 -14.77 4.39
N ALA A 404 18.59 -14.61 3.06
CA ALA A 404 18.76 -15.73 2.13
C ALA A 404 20.10 -16.43 2.38
N ALA A 405 21.16 -15.63 2.55
CA ALA A 405 22.50 -16.17 2.84
C ALA A 405 22.51 -17.13 4.05
N TYR A 406 21.77 -16.80 5.11
CA TYR A 406 21.63 -17.71 6.26
C TYR A 406 21.10 -19.08 5.86
N LEU A 407 20.34 -19.12 4.78
CA LEU A 407 19.74 -20.36 4.29
C LEU A 407 20.56 -20.99 3.16
N GLY A 408 21.74 -20.44 2.88
CA GLY A 408 22.59 -20.94 1.78
C GLY A 408 22.02 -20.62 0.42
N ILE A 409 21.26 -19.53 0.34
CA ILE A 409 20.70 -19.08 -0.94
C ILE A 409 21.40 -17.80 -1.38
N SER A 410 21.88 -17.79 -2.62
CA SER A 410 22.42 -16.59 -3.24
C SER A 410 21.27 -15.75 -3.79
N GLY A 411 21.08 -14.57 -3.22
CA GLY A 411 20.02 -13.65 -3.65
C GLY A 411 20.05 -13.38 -5.14
N TYR A 412 21.24 -13.09 -5.67
CA TYR A 412 21.38 -12.83 -7.10
C TYR A 412 20.91 -14.00 -7.98
N ASP A 413 21.46 -15.18 -7.76
CA ASP A 413 21.09 -16.36 -8.58
C ASP A 413 19.62 -16.70 -8.40
N HIS A 414 19.13 -16.58 -7.17
CA HIS A 414 17.75 -16.90 -6.88
C HIS A 414 16.79 -16.03 -7.63
N ARG A 415 17.07 -14.72 -7.67
CA ARG A 415 16.23 -13.78 -8.43
C ARG A 415 16.30 -14.08 -9.94
N GLN A 416 17.46 -14.50 -10.43
CA GLN A 416 17.59 -14.95 -11.82
C GLN A 416 16.57 -16.03 -12.12
N PHE A 417 16.54 -17.07 -11.26
CA PHE A 417 15.61 -18.18 -11.43
C PHE A 417 14.15 -17.73 -11.38
N LEU A 418 13.81 -16.92 -10.38
CA LEU A 418 12.43 -16.47 -10.16
C LEU A 418 11.96 -15.67 -11.36
N ASN A 419 12.85 -14.84 -11.90
CA ASN A 419 12.53 -14.05 -13.07
C ASN A 419 12.29 -14.90 -14.31
N ARG A 420 13.17 -15.88 -14.54
CA ARG A 420 12.97 -16.84 -15.62
C ARG A 420 11.68 -17.64 -15.44
N PHE A 421 11.43 -18.07 -14.20
CA PHE A 421 10.31 -18.95 -13.90
C PHE A 421 8.97 -18.27 -14.17
N PHE A 422 8.81 -17.06 -13.64
CA PHE A 422 7.53 -16.38 -13.75
C PHE A 422 7.21 -15.76 -15.11
N VAL A 423 8.21 -15.65 -15.98
CA VAL A 423 7.96 -15.20 -17.35
C VAL A 423 7.95 -16.38 -18.34
N ASN A 424 7.75 -17.58 -17.81
CA ASN A 424 7.66 -18.82 -18.60
C ASN A 424 8.89 -19.04 -19.48
N ARG A 425 10.07 -18.88 -18.87
CA ARG A 425 11.35 -19.16 -19.54
C ARG A 425 12.18 -20.12 -18.68
N PHE A 426 11.50 -21.01 -17.97
CA PHE A 426 12.14 -22.08 -17.22
C PHE A 426 11.32 -23.33 -17.47
N ASP A 427 12.01 -24.44 -17.76
CA ASP A 427 11.37 -25.70 -18.11
C ASP A 427 10.25 -26.11 -17.15
N GLY A 428 9.04 -26.29 -17.68
CA GLY A 428 7.91 -26.81 -16.90
C GLY A 428 7.13 -25.78 -16.09
N SER A 429 7.54 -24.51 -16.15
CA SER A 429 6.87 -23.43 -15.43
C SER A 429 5.38 -23.34 -15.74
N PHE A 430 4.58 -23.16 -14.68
CA PHE A 430 3.14 -22.96 -14.84
C PHE A 430 2.81 -21.48 -15.02
N ALA A 431 3.82 -20.64 -14.81
CA ALA A 431 3.59 -19.19 -14.74
C ALA A 431 3.59 -18.58 -16.12
N ARG A 432 2.64 -17.66 -16.35
CA ARG A 432 2.54 -16.95 -17.64
C ARG A 432 2.66 -15.42 -17.47
N GLY A 433 3.75 -14.96 -16.85
CA GLY A 433 4.01 -13.53 -16.65
C GLY A 433 4.85 -12.87 -17.73
N VAL A 434 5.11 -11.56 -17.57
CA VAL A 434 5.82 -10.75 -18.56
C VAL A 434 6.93 -9.96 -17.85
N PRO A 435 8.12 -9.81 -18.47
CA PRO A 435 9.17 -9.04 -17.80
C PRO A 435 8.79 -7.58 -17.59
N PHE A 436 9.31 -6.97 -16.52
CA PHE A 436 9.17 -5.54 -16.31
C PHE A 436 10.47 -4.95 -15.81
N GLN A 437 10.98 -3.97 -16.56
CA GLN A 437 12.20 -3.22 -16.22
C GLN A 437 13.41 -4.12 -16.00
N TYR A 438 13.68 -4.97 -16.98
CA TYR A 438 14.96 -5.67 -16.97
C TYR A 438 16.09 -4.65 -17.10
N ASN A 439 17.01 -4.67 -16.13
CA ASN A 439 18.11 -3.71 -16.10
C ASN A 439 19.44 -4.39 -16.42
N PRO A 440 19.92 -4.18 -17.67
CA PRO A 440 21.13 -4.86 -18.18
C PRO A 440 22.36 -4.62 -17.30
N SER A 441 22.43 -3.46 -16.66
CA SER A 441 23.59 -3.12 -15.85
C SER A 441 23.58 -3.77 -14.45
N THR A 442 22.41 -4.23 -14.00
CA THR A 442 22.33 -4.89 -12.67
C THR A 442 21.82 -6.34 -12.68
N GLY A 443 21.21 -6.76 -13.77
CA GLY A 443 20.62 -8.09 -13.86
C GLY A 443 19.25 -8.16 -13.20
N ASP A 444 18.83 -7.04 -12.60
CA ASP A 444 17.54 -6.96 -11.93
C ASP A 444 16.40 -6.94 -12.96
N CYS A 445 15.29 -7.57 -12.59
CA CYS A 445 14.08 -7.57 -13.40
C CYS A 445 12.90 -7.83 -12.48
N ARG A 446 11.75 -7.30 -12.85
CA ARG A 446 10.52 -7.53 -12.10
C ARG A 446 9.51 -8.18 -13.02
N VAL A 447 8.39 -8.63 -12.44
CA VAL A 447 7.42 -9.46 -13.14
C VAL A 447 6.02 -8.85 -13.15
N SER A 448 5.40 -8.83 -14.32
CA SER A 448 4.01 -8.37 -14.47
C SER A 448 3.11 -9.55 -14.83
N GLY A 449 1.81 -9.41 -14.57
CA GLY A 449 0.84 -10.48 -14.79
C GLY A 449 -0.11 -10.63 -13.62
N THR A 450 -1.35 -11.01 -13.90
CA THR A 450 -2.37 -11.18 -12.86
C THR A 450 -2.10 -12.45 -12.05
N ALA A 451 -2.67 -12.53 -10.85
CA ALA A 451 -2.52 -13.71 -9.99
C ALA A 451 -2.88 -14.99 -10.75
N ALA A 452 -3.99 -14.93 -11.50
CA ALA A 452 -4.46 -16.07 -12.31
C ALA A 452 -3.46 -16.46 -13.40
N ALA A 453 -2.86 -15.46 -14.05
CA ALA A 453 -1.87 -15.72 -15.09
C ALA A 453 -0.59 -16.36 -14.54
N LEU A 454 -0.25 -16.00 -13.32
CA LEU A 454 0.98 -16.46 -12.69
C LEU A 454 0.85 -17.86 -12.06
N VAL A 455 -0.38 -18.27 -11.74
CA VAL A 455 -0.60 -19.61 -11.17
C VAL A 455 -0.89 -20.66 -12.24
N GLY A 456 -1.10 -20.22 -13.48
CA GLY A 456 -1.32 -21.15 -14.60
C GLY A 456 -2.74 -21.27 -15.10
N LEU A 457 -3.60 -20.33 -14.75
CA LEU A 457 -5.01 -20.38 -15.17
C LEU A 457 -5.24 -20.10 -16.66
N ALA A 458 -4.34 -19.36 -17.30
CA ALA A 458 -4.50 -19.11 -18.74
C ALA A 458 -4.54 -20.41 -19.55
N GLN A 459 -3.67 -21.36 -19.21
CA GLN A 459 -3.60 -22.66 -19.89
C GLN A 459 -4.43 -23.76 -19.19
N ASP A 460 -5.29 -23.36 -18.25
CA ASP A 460 -6.14 -24.29 -17.49
C ASP A 460 -5.36 -25.32 -16.66
N ASP A 461 -4.23 -24.92 -16.09
CA ASP A 461 -3.51 -25.79 -15.17
C ASP A 461 -4.53 -26.25 -14.12
N PRO A 462 -4.71 -27.58 -13.97
CA PRO A 462 -5.72 -28.03 -13.00
C PRO A 462 -5.40 -27.65 -11.55
N HIS A 463 -4.18 -27.13 -11.30
CA HIS A 463 -3.77 -26.70 -9.96
C HIS A 463 -4.01 -25.22 -9.73
N ALA A 464 -4.28 -24.46 -10.79
CA ALA A 464 -4.34 -22.99 -10.72
C ALA A 464 -5.27 -22.46 -9.64
N VAL A 465 -6.52 -22.91 -9.68
CA VAL A 465 -7.55 -22.47 -8.75
C VAL A 465 -7.11 -22.67 -7.29
N ASP A 466 -6.50 -23.82 -6.99
CA ASP A 466 -6.08 -24.12 -5.63
C ASP A 466 -4.92 -23.23 -5.19
N ARG A 467 -4.05 -22.87 -6.14
CA ARG A 467 -2.93 -21.98 -5.87
C ARG A 467 -3.41 -20.58 -5.43
N ILE A 468 -4.44 -20.07 -6.08
CA ILE A 468 -5.03 -18.76 -5.75
C ILE A 468 -5.60 -18.80 -4.33
N LYS A 469 -6.36 -19.85 -4.03
CA LYS A 469 -6.92 -20.06 -2.70
C LYS A 469 -5.79 -20.08 -1.66
N LEU A 470 -4.74 -20.84 -1.94
CA LEU A 470 -3.60 -20.95 -1.01
C LEU A 470 -2.95 -19.60 -0.71
N LEU A 471 -2.64 -18.83 -1.75
CA LEU A 471 -1.98 -17.52 -1.56
C LEU A 471 -2.84 -16.58 -0.73
N TYR A 472 -4.12 -16.45 -1.12
CA TYR A 472 -5.05 -15.59 -0.42
C TYR A 472 -5.27 -16.02 1.04
N SER A 473 -5.31 -17.35 1.26
CA SER A 473 -5.52 -17.89 2.59
C SER A 473 -4.48 -17.33 3.55
N ILE A 474 -3.26 -17.20 3.05
CA ILE A 474 -2.13 -16.77 3.87
C ILE A 474 -2.21 -15.28 4.18
N ALA A 475 -2.56 -14.48 3.16
CA ALA A 475 -2.77 -13.04 3.35
C ALA A 475 -3.95 -12.78 4.27
N LEU A 476 -4.96 -13.64 4.21
CA LEU A 476 -6.16 -13.49 5.05
C LEU A 476 -5.98 -13.92 6.50
N SER A 477 -4.96 -14.74 6.80
CA SER A 477 -4.87 -15.37 8.13
C SER A 477 -3.60 -15.09 8.95
N THR A 478 -2.56 -14.53 8.32
CA THR A 478 -1.31 -14.28 9.04
C THR A 478 -1.45 -13.23 10.13
N GLY A 479 -2.43 -12.34 9.99
CA GLY A 479 -2.57 -11.22 10.91
C GLY A 479 -2.15 -9.94 10.21
N GLY A 480 -3.07 -8.98 10.16
CA GLY A 480 -2.90 -7.81 9.32
C GLY A 480 -4.12 -7.66 8.44
N LEU A 481 -4.17 -6.56 7.69
CA LEU A 481 -5.33 -6.22 6.88
C LEU A 481 -5.11 -6.72 5.46
N PRO A 482 -5.92 -7.71 5.03
CA PRO A 482 -5.75 -8.32 3.71
C PRO A 482 -6.36 -7.49 2.59
N LEU A 483 -5.67 -7.45 1.46
CA LEU A 483 -6.05 -6.62 0.35
C LEU A 483 -6.16 -7.47 -0.89
N ILE A 484 -7.37 -7.55 -1.44
CA ILE A 484 -7.67 -8.26 -2.67
C ILE A 484 -7.55 -7.32 -3.87
N TYR A 485 -6.72 -7.71 -4.84
CA TYR A 485 -6.71 -7.03 -6.13
C TYR A 485 -7.99 -7.44 -6.85
N LEU A 486 -8.96 -6.55 -6.91
CA LEU A 486 -10.29 -6.87 -7.43
C LEU A 486 -10.22 -7.36 -8.86
N GLY A 487 -10.93 -8.44 -9.15
CA GLY A 487 -10.72 -9.20 -10.37
C GLY A 487 -10.07 -10.55 -10.08
N ASP A 488 -9.21 -10.61 -9.07
CA ASP A 488 -8.57 -11.87 -8.66
C ASP A 488 -9.61 -12.88 -8.20
N GLU A 489 -10.66 -12.38 -7.56
CA GLU A 489 -11.69 -13.23 -6.96
C GLU A 489 -12.55 -14.00 -7.98
N VAL A 490 -12.39 -13.71 -9.27
CA VAL A 490 -12.99 -14.48 -10.35
C VAL A 490 -11.97 -14.98 -11.37
N GLY A 491 -10.69 -14.95 -11.00
CA GLY A 491 -9.60 -15.47 -11.84
C GLY A 491 -9.31 -14.72 -13.12
N THR A 492 -9.45 -13.39 -13.08
CA THR A 492 -9.22 -12.54 -14.24
C THR A 492 -7.80 -12.69 -14.81
N LEU A 493 -7.74 -12.88 -16.14
CA LEU A 493 -6.48 -13.11 -16.84
C LEU A 493 -5.84 -11.80 -17.30
N ASN A 494 -4.66 -11.89 -17.89
CA ASN A 494 -3.98 -10.71 -18.42
C ASN A 494 -4.79 -10.01 -19.50
N ASP A 495 -4.58 -8.70 -19.61
CA ASP A 495 -5.05 -7.94 -20.76
C ASP A 495 -4.01 -8.17 -21.84
N ASP A 496 -4.39 -8.81 -22.95
CA ASP A 496 -3.40 -9.06 -24.00
C ASP A 496 -3.28 -7.91 -25.01
N ASP A 497 -4.25 -6.99 -24.98
CA ASP A 497 -4.23 -5.77 -25.82
C ASP A 497 -3.11 -4.76 -25.48
N TRP A 498 -2.63 -4.79 -24.23
CA TRP A 498 -1.68 -3.77 -23.74
C TRP A 498 -0.47 -3.52 -24.61
N SER A 499 0.11 -4.60 -25.15
CA SER A 499 1.44 -4.53 -25.79
C SER A 499 1.48 -3.86 -27.15
N GLN A 500 0.30 -3.65 -27.73
CA GLN A 500 0.21 -3.04 -29.05
C GLN A 500 -0.44 -1.65 -28.97
N ASP A 501 -0.76 -1.24 -27.75
CA ASP A 501 -1.26 0.10 -27.44
C ASP A 501 -0.07 1.01 -27.12
N SER A 502 0.13 2.01 -27.97
CA SER A 502 1.30 2.90 -27.90
C SER A 502 1.35 3.77 -26.64
N ASN A 503 0.22 3.86 -25.94
CA ASN A 503 0.20 4.54 -24.63
C ASN A 503 0.64 3.63 -23.47
N LYS A 504 0.75 2.33 -23.75
CA LYS A 504 0.94 1.31 -22.71
C LYS A 504 2.07 0.34 -22.99
N SER A 505 2.50 0.27 -24.25
CA SER A 505 3.38 -0.81 -24.72
C SER A 505 4.78 -0.81 -24.11
N ASP A 506 5.22 0.32 -23.56
CA ASP A 506 6.51 0.40 -22.89
C ASP A 506 6.38 0.14 -21.37
N ASP A 507 5.19 -0.23 -20.93
CA ASP A 507 4.88 -0.45 -19.52
C ASP A 507 4.08 -1.74 -19.36
N SER A 508 4.79 -2.84 -19.13
CA SER A 508 4.17 -4.18 -19.07
C SER A 508 3.23 -4.39 -17.89
N ARG A 509 3.18 -3.41 -16.98
CA ARG A 509 2.27 -3.46 -15.84
C ARG A 509 0.81 -3.47 -16.28
N TRP A 510 0.54 -2.91 -17.47
CA TRP A 510 -0.81 -2.93 -18.03
C TRP A 510 -1.29 -4.33 -18.33
N ALA A 511 -0.36 -5.26 -18.53
CA ALA A 511 -0.74 -6.69 -18.64
C ALA A 511 -1.65 -7.12 -17.49
N HIS A 512 -1.32 -6.68 -16.27
CA HIS A 512 -2.16 -7.05 -15.11
C HIS A 512 -3.12 -5.98 -14.69
N ARG A 513 -3.51 -5.12 -15.63
CA ARG A 513 -4.51 -4.09 -15.34
C ARG A 513 -5.70 -4.21 -16.29
N PRO A 514 -6.36 -5.38 -16.32
CA PRO A 514 -7.46 -5.57 -17.26
C PRO A 514 -8.76 -4.92 -16.79
N ARG A 515 -9.68 -4.73 -17.72
CA ARG A 515 -11.02 -4.22 -17.40
C ARG A 515 -11.86 -5.27 -16.68
N TYR A 516 -12.95 -4.82 -16.07
CA TYR A 516 -13.93 -5.70 -15.44
C TYR A 516 -14.39 -6.78 -16.43
N ASN A 517 -14.06 -8.03 -16.14
CA ASN A 517 -14.48 -9.11 -17.03
C ASN A 517 -15.92 -9.53 -16.77
N GLU A 518 -16.83 -9.06 -17.62
CA GLU A 518 -18.26 -9.35 -17.49
C GLU A 518 -18.58 -10.84 -17.45
N ALA A 519 -17.94 -11.60 -18.34
CA ALA A 519 -18.17 -13.05 -18.45
C ALA A 519 -17.79 -13.81 -17.19
N LEU A 520 -16.68 -13.44 -16.55
CA LEU A 520 -16.23 -14.08 -15.31
C LEU A 520 -17.10 -13.72 -14.10
N TYR A 521 -17.51 -12.45 -13.98
CA TYR A 521 -18.38 -12.03 -12.89
C TYR A 521 -19.78 -12.64 -12.95
N ALA A 522 -20.26 -12.87 -14.17
CA ALA A 522 -21.52 -13.60 -14.41
C ALA A 522 -21.44 -15.08 -14.02
N GLN A 523 -20.23 -15.63 -13.91
CA GLN A 523 -19.99 -17.03 -13.57
C GLN A 523 -19.70 -17.29 -12.09
N ARG A 524 -19.66 -16.24 -11.27
CA ARG A 524 -19.14 -16.35 -9.91
C ARG A 524 -19.97 -17.21 -8.94
N ASN A 525 -21.25 -17.41 -9.26
CA ASN A 525 -22.13 -18.27 -8.45
C ASN A 525 -22.24 -19.70 -9.00
N ASP A 526 -21.42 -20.02 -9.99
CA ASP A 526 -21.43 -21.33 -10.63
C ASP A 526 -20.17 -22.12 -10.26
N PRO A 527 -20.32 -23.10 -9.35
CA PRO A 527 -19.18 -23.86 -8.82
C PRO A 527 -18.48 -24.81 -9.82
N SER A 528 -18.94 -24.85 -11.07
CA SER A 528 -18.30 -25.67 -12.10
C SER A 528 -17.35 -24.87 -12.97
N THR A 529 -17.35 -23.56 -12.79
CA THR A 529 -16.42 -22.67 -13.46
C THR A 529 -15.26 -22.33 -12.52
N ALA A 530 -14.10 -21.99 -13.09
CA ALA A 530 -12.99 -21.47 -12.30
C ALA A 530 -13.38 -20.21 -11.54
N ALA A 531 -14.09 -19.30 -12.21
CA ALA A 531 -14.56 -18.07 -11.59
C ALA A 531 -15.35 -18.35 -10.31
N GLY A 532 -16.27 -19.32 -10.38
CA GLY A 532 -17.11 -19.69 -9.24
C GLY A 532 -16.37 -20.42 -8.13
N GLN A 533 -15.47 -21.31 -8.50
CA GLN A 533 -14.63 -22.00 -7.52
C GLN A 533 -13.78 -20.98 -6.74
N ILE A 534 -13.09 -20.10 -7.48
CA ILE A 534 -12.25 -19.06 -6.87
C ILE A 534 -13.08 -18.15 -5.97
N TYR A 535 -14.19 -17.61 -6.50
CA TYR A 535 -15.06 -16.73 -5.73
C TYR A 535 -15.59 -17.36 -4.44
N GLN A 536 -16.18 -18.55 -4.57
CA GLN A 536 -16.70 -19.30 -3.41
C GLN A 536 -15.64 -19.56 -2.33
N ASP A 537 -14.45 -20.00 -2.75
CA ASP A 537 -13.35 -20.28 -1.82
C ASP A 537 -12.90 -19.03 -1.07
N LEU A 538 -12.76 -17.93 -1.81
CA LEU A 538 -12.30 -16.68 -1.23
C LEU A 538 -13.35 -16.09 -0.31
N ARG A 539 -14.61 -16.15 -0.74
CA ARG A 539 -15.71 -15.60 0.04
C ARG A 539 -15.88 -16.37 1.35
N HIS A 540 -15.66 -17.68 1.29
CA HIS A 540 -15.73 -18.52 2.47
C HIS A 540 -14.62 -18.16 3.44
N MET A 541 -13.40 -18.05 2.94
CA MET A 541 -12.25 -17.65 3.75
C MET A 541 -12.46 -16.25 4.38
N ILE A 542 -12.97 -15.31 3.60
CA ILE A 542 -13.34 -13.99 4.11
C ILE A 542 -14.40 -14.09 5.21
N ALA A 543 -15.40 -14.94 5.00
CA ALA A 543 -16.48 -15.13 5.98
C ALA A 543 -15.93 -15.67 7.29
N VAL A 544 -15.03 -16.65 7.19
CA VAL A 544 -14.38 -17.26 8.35
C VAL A 544 -13.51 -16.23 9.06
N ARG A 545 -12.65 -15.54 8.31
CA ARG A 545 -11.77 -14.51 8.89
C ARG A 545 -12.57 -13.48 9.70
N GLN A 546 -13.67 -13.01 9.14
CA GLN A 546 -14.41 -11.90 9.76
C GLN A 546 -15.25 -12.32 10.98
N SER A 547 -15.73 -13.56 10.98
CA SER A 547 -16.58 -14.02 12.08
C SER A 547 -15.79 -14.65 13.23
N ASN A 548 -14.61 -15.19 12.93
CA ASN A 548 -13.87 -15.97 13.94
C ASN A 548 -12.81 -15.15 14.66
N PRO A 549 -12.98 -14.94 15.98
CA PRO A 549 -12.04 -14.07 16.71
C PRO A 549 -10.60 -14.60 16.80
N ARG A 550 -10.38 -15.86 16.42
CA ARG A 550 -9.04 -16.43 16.42
C ARG A 550 -8.11 -15.78 15.40
N PHE A 551 -8.68 -15.03 14.46
CA PHE A 551 -7.91 -14.33 13.42
C PHE A 551 -7.54 -12.90 13.82
N ASP A 552 -8.13 -12.41 14.90
CA ASP A 552 -7.97 -11.03 15.36
C ASP A 552 -6.50 -10.67 15.66
N GLY A 553 -6.15 -9.40 15.47
CA GLY A 553 -4.79 -8.92 15.72
C GLY A 553 -3.80 -9.26 14.61
N GLY A 554 -2.54 -8.85 14.79
CA GLY A 554 -1.52 -9.01 13.75
C GLY A 554 -0.39 -9.95 14.11
N ARG A 555 -0.47 -10.56 15.29
CA ARG A 555 0.61 -11.38 15.81
C ARG A 555 0.46 -12.85 15.39
N LEU A 556 1.58 -13.48 15.05
CA LEU A 556 1.60 -14.93 14.83
C LEU A 556 2.85 -15.54 15.43
N VAL A 557 2.78 -16.86 15.68
CA VAL A 557 3.95 -17.66 16.02
C VAL A 557 4.01 -18.79 14.98
N THR A 558 5.15 -18.95 14.32
CA THR A 558 5.29 -20.01 13.32
C THR A 558 5.32 -21.38 13.98
N PHE A 559 4.95 -22.40 13.20
CA PHE A 559 4.97 -23.76 13.66
C PHE A 559 5.89 -24.57 12.75
N ASN A 560 6.88 -25.21 13.36
CA ASN A 560 7.81 -26.07 12.63
C ASN A 560 7.08 -27.33 12.16
N THR A 561 6.77 -27.41 10.87
CA THR A 561 6.03 -28.56 10.33
C THR A 561 6.91 -29.78 10.05
N ASN A 562 8.23 -29.57 9.96
CA ASN A 562 9.19 -30.61 9.58
C ASN A 562 8.97 -31.18 8.17
N ASN A 563 8.26 -30.41 7.35
CA ASN A 563 8.09 -30.72 5.94
C ASN A 563 8.41 -29.45 5.17
N LYS A 564 9.46 -29.50 4.35
CA LYS A 564 9.97 -28.31 3.66
C LYS A 564 8.97 -27.65 2.72
N HIS A 565 7.85 -28.33 2.45
CA HIS A 565 6.80 -27.88 1.52
C HIS A 565 5.59 -27.30 2.17
N ILE A 566 5.47 -27.46 3.49
CA ILE A 566 4.26 -27.07 4.22
C ILE A 566 4.58 -25.95 5.19
N ILE A 567 3.92 -24.80 5.02
CA ILE A 567 4.04 -23.70 5.96
C ILE A 567 3.09 -23.95 7.15
N GLY A 568 3.50 -23.54 8.34
CA GLY A 568 2.68 -23.63 9.53
C GLY A 568 2.81 -22.41 10.45
N TYR A 569 1.69 -21.96 10.99
CA TYR A 569 1.69 -20.88 11.97
C TYR A 569 0.45 -20.91 12.86
N ILE A 570 0.56 -20.25 14.01
CA ILE A 570 -0.53 -20.22 14.97
C ILE A 570 -0.98 -18.78 15.26
N ARG A 571 -2.29 -18.57 15.23
CA ARG A 571 -2.90 -17.30 15.59
C ARG A 571 -3.56 -17.41 16.97
N ASN A 572 -3.22 -16.45 17.84
CA ASN A 572 -3.84 -16.32 19.18
C ASN A 572 -3.79 -17.59 20.01
N ASN A 573 -2.81 -18.44 19.72
CA ASN A 573 -2.66 -19.74 20.35
C ASN A 573 -3.93 -20.61 20.22
N ALA A 574 -4.67 -20.42 19.14
CA ALA A 574 -5.98 -21.06 18.97
C ALA A 574 -6.27 -21.54 17.55
N LEU A 575 -5.60 -20.95 16.57
CA LEU A 575 -5.80 -21.32 15.17
C LEU A 575 -4.48 -21.77 14.54
N LEU A 576 -4.46 -23.04 14.14
CA LEU A 576 -3.27 -23.63 13.54
C LEU A 576 -3.48 -23.77 12.05
N ALA A 577 -2.68 -23.04 11.27
CA ALA A 577 -2.83 -23.02 9.82
C ALA A 577 -1.69 -23.80 9.17
N PHE A 578 -2.05 -24.63 8.19
CA PHE A 578 -1.09 -25.35 7.37
C PHE A 578 -1.38 -25.02 5.92
N GLY A 579 -0.34 -24.80 5.13
CA GLY A 579 -0.47 -24.61 3.68
C GLY A 579 0.56 -25.42 2.92
N ASN A 580 0.10 -26.31 2.05
CA ASN A 580 0.98 -27.16 1.25
C ASN A 580 1.35 -26.48 -0.07
N PHE A 581 2.62 -26.18 -0.26
CA PHE A 581 3.06 -25.49 -1.47
C PHE A 581 3.59 -26.42 -2.55
N SER A 582 3.49 -27.73 -2.30
CA SER A 582 3.86 -28.75 -3.27
C SER A 582 2.64 -29.13 -4.08
N GLU A 583 2.87 -29.48 -5.35
CA GLU A 583 1.81 -29.98 -6.22
C GLU A 583 1.54 -31.47 -6.01
N TYR A 584 2.21 -32.06 -5.01
CA TYR A 584 2.00 -33.45 -4.59
C TYR A 584 1.47 -33.51 -3.15
N PRO A 585 0.88 -34.65 -2.73
CA PRO A 585 0.46 -34.75 -1.33
C PRO A 585 1.67 -34.62 -0.40
N GLN A 586 1.48 -33.91 0.73
CA GLN A 586 2.57 -33.72 1.68
C GLN A 586 2.09 -33.97 3.11
N THR A 587 2.97 -34.54 3.92
CA THR A 587 2.57 -35.04 5.24
C THR A 587 3.19 -34.27 6.40
N VAL A 588 2.36 -33.92 7.37
CA VAL A 588 2.85 -33.54 8.69
C VAL A 588 2.65 -34.79 9.55
N THR A 589 3.73 -35.24 10.19
CA THR A 589 3.72 -36.53 10.88
C THR A 589 3.02 -36.46 12.22
N ALA A 590 2.47 -37.60 12.65
CA ALA A 590 1.92 -37.76 13.99
C ALA A 590 2.95 -37.27 15.01
N HIS A 591 4.22 -37.61 14.77
CA HIS A 591 5.29 -37.21 15.66
C HIS A 591 5.38 -35.71 15.84
N THR A 592 5.30 -34.97 14.73
CA THR A 592 5.32 -33.51 14.76
C THR A 592 4.12 -32.94 15.52
N LEU A 593 2.99 -33.65 15.46
CA LEU A 593 1.71 -33.16 16.00
C LEU A 593 1.37 -33.61 17.42
N GLN A 594 2.33 -34.24 18.09
CA GLN A 594 2.09 -34.82 19.42
C GLN A 594 1.54 -33.85 20.46
N ALA A 595 2.01 -32.60 20.43
CA ALA A 595 1.61 -31.61 21.44
C ALA A 595 0.22 -31.00 21.21
N MET A 596 -0.37 -31.31 20.05
CA MET A 596 -1.65 -30.76 19.63
C MET A 596 -2.82 -31.56 20.22
N PRO A 597 -4.03 -30.97 20.22
CA PRO A 597 -5.21 -31.73 20.67
C PRO A 597 -5.50 -32.89 19.73
N PHE A 598 -6.14 -33.93 20.25
CA PHE A 598 -6.43 -35.13 19.47
C PHE A 598 -7.25 -34.85 18.22
N LYS A 599 -8.33 -34.10 18.38
CA LYS A 599 -9.20 -33.70 17.27
C LYS A 599 -9.17 -32.18 17.12
N ALA A 600 -9.32 -31.70 15.89
CA ALA A 600 -9.49 -30.27 15.63
C ALA A 600 -10.35 -30.07 14.41
N HIS A 601 -11.26 -29.12 14.49
CA HIS A 601 -12.12 -28.77 13.36
C HIS A 601 -11.36 -27.94 12.35
N ASP A 602 -11.42 -28.32 11.08
CA ASP A 602 -10.84 -27.52 9.99
C ASP A 602 -11.86 -26.58 9.37
N LEU A 603 -11.60 -25.28 9.44
CA LEU A 603 -12.53 -24.25 8.94
C LEU A 603 -12.58 -24.16 7.41
N ILE A 604 -11.52 -24.59 6.73
CA ILE A 604 -11.50 -24.58 5.28
C ILE A 604 -12.44 -25.66 4.72
N GLY A 605 -12.18 -26.92 5.07
CA GLY A 605 -12.97 -28.04 4.57
C GLY A 605 -14.21 -28.36 5.40
N GLY A 606 -14.26 -27.87 6.62
CA GLY A 606 -15.43 -28.06 7.47
C GLY A 606 -15.52 -29.43 8.12
N LYS A 607 -14.38 -30.12 8.21
CA LYS A 607 -14.35 -31.47 8.79
C LYS A 607 -13.48 -31.53 10.02
N THR A 608 -13.78 -32.50 10.90
CA THR A 608 -12.93 -32.79 12.05
C THR A 608 -11.70 -33.55 11.55
N VAL A 609 -10.53 -33.17 12.06
CA VAL A 609 -9.26 -33.75 11.64
C VAL A 609 -8.60 -34.42 12.85
N SER A 610 -8.01 -35.59 12.60
CA SER A 610 -7.33 -36.35 13.64
C SER A 610 -5.84 -35.99 13.67
N LEU A 611 -5.36 -35.49 14.80
CA LEU A 611 -4.00 -34.98 14.89
C LEU A 611 -3.06 -35.91 15.66
N ASN A 612 -3.59 -37.06 16.07
CA ASN A 612 -2.78 -38.11 16.71
C ASN A 612 -2.35 -39.17 15.68
N GLN A 613 -2.38 -38.77 14.41
CA GLN A 613 -1.94 -39.62 13.31
C GLN A 613 -1.39 -38.71 12.21
N ASP A 614 -0.63 -39.29 11.28
CA ASP A 614 -0.10 -38.56 10.13
C ASP A 614 -1.19 -37.71 9.48
N LEU A 615 -0.83 -36.47 9.13
CA LEU A 615 -1.74 -35.57 8.45
C LEU A 615 -1.25 -35.30 7.04
N THR A 616 -1.97 -35.83 6.05
CA THR A 616 -1.58 -35.67 4.65
C THR A 616 -2.45 -34.61 4.00
N LEU A 617 -1.82 -33.52 3.58
CA LEU A 617 -2.48 -32.48 2.80
C LEU A 617 -2.39 -32.81 1.32
N GLN A 618 -3.49 -32.60 0.61
CA GLN A 618 -3.53 -32.75 -0.83
C GLN A 618 -2.73 -31.62 -1.49
N PRO A 619 -2.36 -31.76 -2.79
CA PRO A 619 -1.66 -30.65 -3.46
C PRO A 619 -2.33 -29.29 -3.20
N TYR A 620 -1.55 -28.33 -2.72
CA TYR A 620 -2.01 -26.95 -2.45
C TYR A 620 -3.13 -26.78 -1.42
N GLN A 621 -3.35 -27.79 -0.58
CA GLN A 621 -4.39 -27.73 0.43
C GLN A 621 -4.02 -26.79 1.58
N VAL A 622 -5.00 -25.99 2.01
CA VAL A 622 -4.87 -25.20 3.24
C VAL A 622 -5.81 -25.74 4.32
N MET A 623 -5.31 -25.82 5.54
CA MET A 623 -6.15 -26.15 6.69
C MET A 623 -6.08 -25.06 7.75
N TRP A 624 -7.24 -24.73 8.32
CA TRP A 624 -7.33 -23.80 9.44
C TRP A 624 -7.93 -24.52 10.60
N LEU A 625 -7.07 -24.98 11.51
CA LEU A 625 -7.46 -25.87 12.59
C LEU A 625 -7.68 -25.14 13.91
N GLU A 626 -8.87 -25.33 14.49
CA GLU A 626 -9.15 -24.73 15.80
C GLU A 626 -8.57 -25.63 16.87
N ILE A 627 -7.49 -25.19 17.49
CA ILE A 627 -6.81 -25.96 18.54
C ILE A 627 -7.13 -25.46 19.94
N ALA A 628 -7.96 -24.43 20.02
CA ALA A 628 -8.44 -23.89 21.28
C ALA A 628 -9.61 -22.97 20.97
C TRS B . 4.88 5.26 -8.04
C1 TRS B . 5.67 5.35 -6.74
C2 TRS B . 5.57 4.27 -8.97
C3 TRS B . 4.80 6.63 -8.70
N TRS B . 3.49 4.79 -7.75
O1 TRS B . 5.67 4.09 -6.07
O2 TRS B . 4.75 4.02 -10.11
O3 TRS B . 3.87 7.47 -8.02
C1 GOL C . 16.24 -11.92 11.53
O1 GOL C . 15.62 -10.64 11.29
C2 GOL C . 16.69 -12.52 10.21
O2 GOL C . 15.73 -12.16 9.21
C3 GOL C . 16.78 -14.04 10.32
O3 GOL C . 18.11 -14.42 10.66
C1 GOL D . 5.87 36.03 -10.91
O1 GOL D . 5.92 37.22 -10.11
C2 GOL D . 7.22 35.82 -11.59
O2 GOL D . 7.78 37.09 -11.92
C3 GOL D . 7.09 34.98 -12.85
O3 GOL D . 8.42 34.72 -13.34
C1 GOL E . 11.07 3.78 -4.61
O1 GOL E . 11.73 3.53 -3.36
C2 GOL E . 9.66 3.21 -4.62
O2 GOL E . 9.46 2.53 -5.87
C3 GOL E . 9.47 2.20 -3.49
O3 GOL E . 8.26 2.50 -2.78
O1 P6G F . 1.50 34.75 0.90
C2 P6G F . 1.55 33.33 1.10
C3 P6G F . 2.86 32.80 0.52
O4 P6G F . 2.95 31.41 0.81
C5 P6G F . 4.31 31.04 1.00
C6 P6G F . 4.62 29.73 0.27
O7 P6G F . 3.63 29.40 -0.68
C8 P6G F . 4.20 28.71 -1.80
C9 P6G F . 3.10 28.07 -2.63
O10 P6G F . 2.35 27.15 -1.84
C11 P6G F . 1.69 26.19 -2.68
C12 P6G F . 0.44 25.65 -1.98
O13 P6G F . -0.61 26.61 -2.08
C14 P6G F . -1.60 26.43 -1.07
C15 P6G F . -2.49 27.66 -0.99
O16 P6G F . -2.03 28.51 0.07
C17 P6G F . -2.36 29.87 -0.18
C18 P6G F . -3.08 30.45 1.03
O19 P6G F . -2.11 30.99 1.94
#